data_7B7Q
#
_entry.id   7B7Q
#
_cell.length_a   66.327
_cell.length_b   108.982
_cell.length_c   82.843
_cell.angle_alpha   90.000
_cell.angle_beta   98.780
_cell.angle_gamma   90.000
#
_symmetry.space_group_name_H-M   'P 1 21 1'
#
loop_
_entity.id
_entity.type
_entity.pdbx_description
1 polymer 'Carbon monoxide dehydrogenase'
2 non-polymer 'FE2/S2 (INORGANIC) CLUSTER'
3 non-polymer 'IRON/SULFUR CLUSTER'
4 non-polymer 3,5-dioxa-7-thia-1-thionia-2$l^{2},4$l^{2},6$l^{3},8$l^{2}-tetraferrabicyclo[4.2.0]octane
5 non-polymer TRIS(HYDROXYETHYL)AMINOMETHANE
6 non-polymer DI(HYDROXYETHYL)ETHER
7 water water
#
_entity_poly.entity_id   1
_entity_poly.type   'polypeptide(L)'
_entity_poly.pdbx_seq_one_letter_code
;MATKTSIHPSVNELYQRLAEDQLSNCFDRFDPQEKIRCNYCELGVSCQLCSNGPCRINEKVGATLGVCGINADGMAMRYM
LLRNVMGTSTYTYHAYEAYKTLKMTALGNTPFTITDKDKLYQMAKDLELNTEGKPEDVAVRLSDFLIWELYRDYDEPGKM
IEVYAPLKRKEVWRKLGIYPAGPLHELKDAAASCLTNVDGDYVSLATKGLRLGLSCIYGAQIGLELVQDILFGTGMPHEM
DVDLGIFDADYINIVFNGHEPFVGVALILAAKEAVNQDKAKAAGAKSLRIYGSIESGQEVVQRFQKDEVFRGLTGNWLTI
EPMLATGAVDVLAMDMNCSPPNLGPLAEKYGATLVSVSRLVRFPGIHHFLDYKPSEVREIAQKIIDIAVDSFKNKRHGKI
TPKIPANIQKAITGFTPEAILKALGGSINPLIEVIKAGKIKGAVGLINCTTLKNGPQDYVTVNLAKELIKRDILILSGGC
GNHALEVAGLCNLDAINLAGPGLSEVCRNLNIPPVLSFGT(CSS)TDTGRISLVVTALANALNVDTADLPVAVTAPMYME
QKATIDALFALAYGLYTHVAPDPPVMGAPNLVKLLTRDLPSITGGRIAVGSDPVKVADDILAHINDRRAKLGI
;
_entity_poly.pdbx_strand_id   A,B
#
# COMPACT_ATOMS: atom_id res chain seq x y z
N MET A 1 8.11 -32.04 -26.60
CA MET A 1 7.98 -31.12 -25.47
C MET A 1 6.84 -30.11 -25.66
N ALA A 2 6.00 -30.10 -24.64
CA ALA A 2 4.78 -29.31 -24.61
C ALA A 2 4.92 -28.05 -23.76
N THR A 3 6.13 -27.70 -23.36
CA THR A 3 6.35 -26.54 -22.51
C THR A 3 6.05 -25.23 -23.25
N LYS A 4 5.35 -24.32 -22.57
CA LYS A 4 5.10 -22.97 -23.10
CA LYS A 4 5.10 -22.99 -23.12
C LYS A 4 6.39 -22.16 -23.03
N THR A 5 6.89 -21.74 -24.19
CA THR A 5 8.13 -20.95 -24.24
C THR A 5 7.86 -19.55 -24.79
N SER A 6 8.23 -19.29 -26.05
CA SER A 6 8.16 -17.95 -26.60
C SER A 6 7.77 -17.97 -28.07
N ILE A 7 7.24 -16.84 -28.55
CA ILE A 7 7.09 -16.64 -30.00
C ILE A 7 8.42 -16.32 -30.69
N HIS A 8 9.42 -15.84 -29.95
CA HIS A 8 10.68 -15.35 -30.52
C HIS A 8 11.70 -16.45 -30.67
N PRO A 9 12.26 -16.68 -31.86
CA PRO A 9 13.27 -17.74 -31.99
C PRO A 9 14.48 -17.58 -31.11
N SER A 10 14.95 -16.34 -30.91
CA SER A 10 16.14 -16.12 -30.09
C SER A 10 15.93 -16.62 -28.67
N VAL A 11 14.77 -16.33 -28.09
CA VAL A 11 14.46 -16.78 -26.74
C VAL A 11 14.36 -18.30 -26.69
N ASN A 12 13.75 -18.91 -27.70
CA ASN A 12 13.63 -20.36 -27.71
C ASN A 12 14.99 -21.04 -27.78
N GLU A 13 15.93 -20.47 -28.53
CA GLU A 13 17.27 -21.05 -28.58
C GLU A 13 17.94 -21.00 -27.21
N LEU A 14 17.79 -19.88 -26.51
CA LEU A 14 18.43 -19.72 -25.20
C LEU A 14 17.71 -20.50 -24.10
N TYR A 15 16.40 -20.69 -24.21
CA TYR A 15 15.71 -21.62 -23.32
C TYR A 15 16.32 -23.02 -23.40
N GLN A 16 16.66 -23.48 -24.60
CA GLN A 16 17.26 -24.81 -24.72
C GLN A 16 18.57 -24.88 -23.95
N ARG A 17 19.34 -23.78 -23.92
CA ARG A 17 20.57 -23.80 -23.13
C ARG A 17 20.28 -23.85 -21.63
N LEU A 18 19.33 -23.04 -21.17
CA LEU A 18 18.94 -23.11 -19.75
C LEU A 18 18.53 -24.53 -19.37
N ALA A 19 17.74 -25.19 -20.23
CA ALA A 19 17.29 -26.56 -19.95
C ALA A 19 18.46 -27.54 -19.96
N GLU A 20 19.33 -27.46 -20.98
CA GLU A 20 20.51 -28.32 -21.02
CA GLU A 20 20.51 -28.32 -21.02
C GLU A 20 21.36 -28.17 -19.76
N ASP A 21 21.56 -26.93 -19.30
CA ASP A 21 22.33 -26.64 -18.09
C ASP A 21 21.57 -26.95 -16.81
N GLN A 22 20.32 -27.41 -16.91
CA GLN A 22 19.52 -27.79 -15.74
C GLN A 22 19.34 -26.64 -14.75
N LEU A 23 19.15 -25.43 -15.29
CA LEU A 23 18.92 -24.24 -14.48
C LEU A 23 17.44 -23.90 -14.43
N SER A 24 16.98 -23.52 -13.24
CA SER A 24 15.60 -23.10 -13.08
C SER A 24 15.34 -21.85 -13.91
N ASN A 25 14.11 -21.72 -14.39
CA ASN A 25 13.73 -20.59 -15.23
C ASN A 25 12.20 -20.46 -15.24
N CYS A 26 11.71 -19.28 -15.66
CA CYS A 26 10.27 -19.02 -15.60
C CYS A 26 9.48 -20.02 -16.44
N PHE A 27 9.98 -20.39 -17.63
CA PHE A 27 9.25 -21.29 -18.50
C PHE A 27 9.03 -22.65 -17.83
N ASP A 28 10.08 -23.23 -17.27
CA ASP A 28 9.97 -24.53 -16.59
C ASP A 28 9.20 -24.44 -15.27
N ARG A 29 9.29 -23.31 -14.57
CA ARG A 29 8.61 -23.17 -13.28
C ARG A 29 7.10 -23.05 -13.42
N PHE A 30 6.62 -22.69 -14.61
CA PHE A 30 5.18 -22.55 -14.83
C PHE A 30 4.47 -23.88 -14.68
N ASP A 31 5.10 -24.98 -15.15
CA ASP A 31 4.48 -26.30 -15.18
C ASP A 31 4.12 -26.81 -13.78
N PRO A 32 5.05 -26.85 -12.82
CA PRO A 32 4.68 -27.32 -11.49
C PRO A 32 3.54 -26.51 -10.87
N GLN A 33 3.48 -25.19 -11.12
CA GLN A 33 2.40 -24.37 -10.55
C GLN A 33 1.06 -24.74 -11.19
N GLU A 34 1.07 -25.06 -12.49
CA GLU A 34 -0.12 -25.54 -13.20
C GLU A 34 -0.75 -26.73 -12.49
N LYS A 35 0.07 -27.64 -11.95
CA LYS A 35 -0.44 -28.87 -11.39
C LYS A 35 -1.28 -28.66 -10.14
N ILE A 36 -1.10 -27.53 -9.45
CA ILE A 36 -1.70 -27.32 -8.13
C ILE A 36 -2.43 -25.98 -8.02
N ARG A 37 -2.87 -25.43 -9.15
CA ARG A 37 -3.54 -24.14 -9.14
C ARG A 37 -4.77 -24.14 -8.24
N CYS A 38 -4.88 -23.09 -7.43
CA CYS A 38 -6.05 -22.84 -6.57
C CYS A 38 -7.13 -22.10 -7.36
N ASN A 39 -8.28 -22.75 -7.56
CA ASN A 39 -9.35 -22.10 -8.30
C ASN A 39 -10.03 -20.98 -7.51
N TYR A 40 -9.99 -21.01 -6.18
CA TYR A 40 -10.54 -19.87 -5.42
C TYR A 40 -9.75 -18.60 -5.72
N CYS A 41 -8.41 -18.70 -5.67
CA CYS A 41 -7.56 -17.57 -5.97
C CYS A 41 -7.68 -17.13 -7.43
N GLU A 42 -7.79 -18.08 -8.37
CA GLU A 42 -7.94 -17.73 -9.77
C GLU A 42 -9.17 -16.86 -9.98
N LEU A 43 -10.24 -17.12 -9.24
CA LEU A 43 -11.51 -16.42 -9.38
C LEU A 43 -11.62 -15.18 -8.48
N GLY A 44 -10.64 -14.90 -7.62
CA GLY A 44 -10.67 -13.74 -6.73
C GLY A 44 -11.49 -13.91 -5.47
N VAL A 45 -11.88 -15.15 -5.12
CA VAL A 45 -12.76 -15.39 -3.97
C VAL A 45 -12.07 -16.14 -2.84
N SER A 46 -10.82 -15.78 -2.60
CA SER A 46 -10.12 -16.08 -1.36
C SER A 46 -9.63 -14.78 -0.73
N CYS A 47 -9.35 -14.79 0.59
CA CYS A 47 -8.87 -13.62 1.31
C CYS A 47 -7.92 -14.05 2.41
N GLN A 48 -6.82 -13.29 2.57
CA GLN A 48 -5.80 -13.53 3.59
C GLN A 48 -5.51 -12.27 4.42
N LEU A 49 -6.49 -11.36 4.55
CA LEU A 49 -6.16 -10.05 5.12
C LEU A 49 -6.26 -9.98 6.66
N CYS A 50 -6.81 -10.99 7.34
CA CYS A 50 -6.80 -10.95 8.81
C CYS A 50 -6.74 -12.34 9.41
N SER A 51 -6.59 -12.38 10.75
CA SER A 51 -6.35 -13.66 11.43
C SER A 51 -7.58 -14.55 11.50
N ASN A 52 -8.81 -14.02 11.35
CA ASN A 52 -9.99 -14.89 11.28
CA ASN A 52 -9.98 -14.90 11.26
C ASN A 52 -10.00 -15.72 9.99
N GLY A 53 -9.22 -15.33 8.98
CA GLY A 53 -9.04 -16.09 7.78
C GLY A 53 -8.00 -17.20 7.96
N PRO A 54 -7.48 -17.71 6.85
CA PRO A 54 -7.83 -17.33 5.48
C PRO A 54 -9.25 -17.76 5.12
N CYS A 55 -9.95 -16.94 4.35
CA CYS A 55 -11.33 -17.23 3.99
C CYS A 55 -11.46 -17.55 2.50
N ARG A 56 -12.56 -18.25 2.17
CA ARG A 56 -12.92 -18.61 0.81
C ARG A 56 -14.43 -18.53 0.67
N ILE A 57 -14.92 -18.23 -0.53
CA ILE A 57 -16.35 -18.24 -0.79
C ILE A 57 -16.73 -19.61 -1.37
N ASN A 58 -17.61 -20.34 -0.67
CA ASN A 58 -18.13 -21.62 -1.16
C ASN A 58 -19.55 -21.72 -0.63
N GLU A 59 -20.52 -21.43 -1.50
CA GLU A 59 -21.90 -21.42 -1.05
C GLU A 59 -22.41 -22.82 -0.64
N LYS A 60 -21.83 -23.89 -1.19
CA LYS A 60 -22.33 -25.24 -0.92
C LYS A 60 -22.26 -25.59 0.57
N VAL A 61 -21.26 -25.10 1.28
CA VAL A 61 -21.12 -25.39 2.70
C VAL A 61 -21.52 -24.18 3.55
N GLY A 62 -22.21 -23.21 2.95
CA GLY A 62 -22.66 -22.05 3.68
C GLY A 62 -21.62 -20.97 3.88
N ALA A 63 -20.48 -21.06 3.22
CA ALA A 63 -19.42 -20.04 3.27
C ALA A 63 -19.68 -18.94 2.23
N THR A 64 -20.81 -18.27 2.40
CA THR A 64 -21.26 -17.23 1.48
C THR A 64 -20.51 -15.91 1.68
N LEU A 65 -20.07 -15.65 2.93
CA LEU A 65 -19.39 -14.45 3.35
C LEU A 65 -18.12 -14.84 4.09
N GLY A 66 -17.14 -13.93 4.09
CA GLY A 66 -16.00 -14.08 5.00
C GLY A 66 -16.44 -13.97 6.45
N VAL A 67 -15.56 -14.36 7.39
CA VAL A 67 -15.94 -14.29 8.80
C VAL A 67 -16.43 -12.89 9.16
N CYS A 68 -15.76 -11.87 8.65
CA CYS A 68 -16.10 -10.48 8.95
C CYS A 68 -17.43 -10.02 8.35
N GLY A 69 -17.96 -10.76 7.37
CA GLY A 69 -19.20 -10.43 6.69
C GLY A 69 -19.06 -9.93 5.25
N ILE A 70 -17.84 -9.80 4.70
CA ILE A 70 -17.67 -9.30 3.33
C ILE A 70 -18.15 -10.35 2.32
N ASN A 71 -18.76 -9.87 1.23
CA ASN A 71 -19.22 -10.75 0.16
C ASN A 71 -18.15 -10.91 -0.93
N ALA A 72 -18.44 -11.79 -1.91
CA ALA A 72 -17.45 -12.12 -2.95
C ALA A 72 -17.03 -10.90 -3.77
N ASP A 73 -17.98 -10.00 -4.05
CA ASP A 73 -17.66 -8.83 -4.88
C ASP A 73 -16.73 -7.86 -4.14
N GLY A 74 -17.01 -7.60 -2.86
CA GLY A 74 -16.11 -6.78 -2.07
C GLY A 74 -14.75 -7.43 -1.90
N MET A 75 -14.72 -8.73 -1.64
CA MET A 75 -13.46 -9.45 -1.47
C MET A 75 -12.57 -9.28 -2.70
N ALA A 76 -13.12 -9.54 -3.90
CA ALA A 76 -12.31 -9.49 -5.11
C ALA A 76 -11.84 -8.07 -5.40
N MET A 77 -12.76 -7.08 -5.33
CA MET A 77 -12.35 -5.71 -5.66
C MET A 77 -11.37 -5.14 -4.63
N ARG A 78 -11.51 -5.51 -3.36
CA ARG A 78 -10.59 -5.03 -2.33
C ARG A 78 -9.17 -5.48 -2.60
N TYR A 79 -8.97 -6.77 -2.93
CA TYR A 79 -7.61 -7.24 -3.19
C TYR A 79 -7.05 -6.60 -4.46
N MET A 80 -7.90 -6.39 -5.48
CA MET A 80 -7.45 -5.64 -6.65
CA MET A 80 -7.48 -5.64 -6.66
C MET A 80 -6.99 -4.24 -6.27
N LEU A 81 -7.77 -3.55 -5.42
CA LEU A 81 -7.35 -2.19 -5.00
C LEU A 81 -6.02 -2.21 -4.25
N LEU A 82 -5.85 -3.15 -3.31
CA LEU A 82 -4.61 -3.24 -2.55
C LEU A 82 -3.42 -3.47 -3.47
N ARG A 83 -3.55 -4.40 -4.43
CA ARG A 83 -2.43 -4.62 -5.35
C ARG A 83 -2.13 -3.38 -6.18
N ASN A 84 -3.15 -2.62 -6.57
CA ASN A 84 -2.93 -1.41 -7.34
C ASN A 84 -2.32 -0.28 -6.51
N VAL A 85 -2.37 -0.37 -5.17
CA VAL A 85 -1.52 0.50 -4.35
C VAL A 85 -0.05 0.31 -4.71
N MET A 86 0.39 -0.95 -4.91
CA MET A 86 1.77 -1.20 -5.30
C MET A 86 2.09 -0.54 -6.62
N GLY A 87 1.20 -0.71 -7.61
CA GLY A 87 1.45 -0.08 -8.91
C GLY A 87 1.60 1.43 -8.79
N THR A 88 0.64 2.08 -8.13
CA THR A 88 0.69 3.54 -7.94
C THR A 88 1.96 3.94 -7.20
N SER A 89 2.37 3.14 -6.21
CA SER A 89 3.56 3.48 -5.44
C SER A 89 4.82 3.48 -6.31
N THR A 90 4.93 2.55 -7.27
CA THR A 90 6.11 2.56 -8.13
C THR A 90 6.15 3.79 -9.02
N TYR A 91 5.01 4.22 -9.58
CA TYR A 91 5.01 5.44 -10.39
C TYR A 91 5.32 6.68 -9.55
N THR A 92 4.80 6.72 -8.31
CA THR A 92 5.04 7.84 -7.41
C THR A 92 6.51 7.91 -6.99
N TYR A 93 7.11 6.73 -6.71
CA TYR A 93 8.52 6.64 -6.37
C TYR A 93 9.37 7.21 -7.50
N HIS A 94 9.09 6.79 -8.73
CA HIS A 94 9.82 7.22 -9.91
C HIS A 94 9.68 8.72 -10.12
N ALA A 95 8.45 9.24 -9.99
CA ALA A 95 8.23 10.67 -10.19
C ALA A 95 9.06 11.49 -9.18
N TYR A 96 8.99 11.11 -7.89
CA TYR A 96 9.73 11.85 -6.87
C TYR A 96 11.23 11.88 -7.20
N GLU A 97 11.78 10.75 -7.62
CA GLU A 97 13.20 10.72 -7.95
C GLU A 97 13.50 11.56 -9.21
N ALA A 98 12.60 11.56 -10.18
CA ALA A 98 12.82 12.42 -11.34
C ALA A 98 12.87 13.90 -10.94
N TYR A 99 11.97 14.31 -10.04
CA TYR A 99 11.92 15.72 -9.65
C TYR A 99 13.14 16.11 -8.82
N LYS A 100 13.56 15.25 -7.88
CA LYS A 100 14.81 15.52 -7.17
C LYS A 100 16.01 15.52 -8.12
N THR A 101 16.00 14.67 -9.16
CA THR A 101 17.09 14.65 -10.12
C THR A 101 17.15 15.96 -10.90
N LEU A 102 15.99 16.51 -11.28
CA LEU A 102 15.98 17.79 -11.99
C LEU A 102 16.49 18.90 -11.09
N LYS A 103 16.01 18.94 -9.84
CA LYS A 103 16.44 20.00 -8.93
C LYS A 103 17.94 19.95 -8.70
N MET A 104 18.48 18.76 -8.42
CA MET A 104 19.92 18.63 -8.19
C MET A 104 20.72 18.92 -9.45
N THR A 105 20.16 18.61 -10.63
CA THR A 105 20.83 18.96 -11.87
C THR A 105 20.91 20.47 -12.02
N ALA A 106 19.81 21.18 -11.73
CA ALA A 106 19.78 22.64 -11.80
C ALA A 106 20.76 23.29 -10.82
N LEU A 107 21.00 22.64 -9.68
CA LEU A 107 21.94 23.14 -8.69
C LEU A 107 23.39 22.78 -9.04
N GLY A 108 23.62 22.00 -10.09
CA GLY A 108 24.95 21.69 -10.57
C GLY A 108 25.56 20.41 -10.06
N ASN A 109 24.75 19.52 -9.48
CA ASN A 109 25.29 18.41 -8.68
C ASN A 109 25.20 17.06 -9.39
N THR A 110 24.96 17.04 -10.70
CA THR A 110 24.84 15.76 -11.42
C THR A 110 25.59 15.84 -12.74
N PRO A 111 25.77 14.73 -13.45
CA PRO A 111 26.37 14.76 -14.79
C PRO A 111 25.40 15.14 -15.90
N PHE A 112 24.18 15.51 -15.55
CA PHE A 112 23.13 15.83 -16.50
C PHE A 112 23.02 17.35 -16.66
N THR A 113 22.18 17.76 -17.61
CA THR A 113 21.99 19.18 -17.93
C THR A 113 20.52 19.40 -18.32
N ILE A 114 20.17 20.66 -18.54
CA ILE A 114 18.87 21.00 -19.10
C ILE A 114 18.98 20.94 -20.61
N THR A 115 18.36 19.93 -21.21
CA THR A 115 18.48 19.70 -22.64
C THR A 115 17.34 20.35 -23.42
N ASP A 116 16.08 20.00 -23.09
CA ASP A 116 14.92 20.61 -23.77
C ASP A 116 14.45 21.81 -22.95
N LYS A 117 15.13 22.93 -23.17
CA LYS A 117 14.84 24.17 -22.49
C LYS A 117 13.51 24.78 -22.95
N ASP A 118 13.12 24.55 -24.21
CA ASP A 118 11.84 25.03 -24.68
C ASP A 118 10.70 24.38 -23.89
N LYS A 119 10.80 23.08 -23.66
CA LYS A 119 9.78 22.38 -22.90
C LYS A 119 9.74 22.87 -21.45
N LEU A 120 10.90 23.15 -20.86
CA LEU A 120 10.96 23.68 -19.49
C LEU A 120 10.15 24.97 -19.37
N TYR A 121 10.39 25.92 -20.27
CA TYR A 121 9.73 27.22 -20.19
C TYR A 121 8.26 27.12 -20.59
N GLN A 122 7.93 26.29 -21.58
CA GLN A 122 6.53 26.15 -21.96
C GLN A 122 5.72 25.52 -20.83
N MET A 123 6.27 24.48 -20.20
CA MET A 123 5.56 23.86 -19.09
C MET A 123 5.39 24.83 -17.92
N ALA A 124 6.45 25.59 -17.61
CA ALA A 124 6.33 26.58 -16.54
C ALA A 124 5.24 27.60 -16.86
N LYS A 125 5.18 28.07 -18.11
CA LYS A 125 4.15 29.04 -18.47
C LYS A 125 2.76 28.42 -18.38
N ASP A 126 2.59 27.17 -18.83
CA ASP A 126 1.28 26.53 -18.74
C ASP A 126 0.82 26.38 -17.30
N LEU A 127 1.76 26.19 -16.38
CA LEU A 127 1.46 26.04 -14.96
C LEU A 127 1.51 27.35 -14.19
N GLU A 128 1.70 28.48 -14.89
CA GLU A 128 1.67 29.82 -14.31
C GLU A 128 2.74 30.04 -13.25
N LEU A 129 3.91 29.44 -13.47
CA LEU A 129 5.06 29.63 -12.61
C LEU A 129 5.90 30.83 -13.08
N ASN A 130 6.68 31.35 -12.15
CA ASN A 130 7.60 32.45 -12.44
C ASN A 130 8.70 31.96 -13.36
N THR A 131 8.89 32.63 -14.50
CA THR A 131 9.95 32.27 -15.44
C THR A 131 11.10 33.29 -15.50
N GLU A 132 11.18 34.19 -14.52
CA GLU A 132 12.28 35.16 -14.49
C GLU A 132 13.56 34.49 -14.01
N GLY A 133 14.70 35.09 -14.35
CA GLY A 133 15.97 34.63 -13.84
C GLY A 133 16.70 33.69 -14.77
N LYS A 134 17.43 32.72 -14.20
CA LYS A 134 18.18 31.75 -14.97
C LYS A 134 17.31 30.52 -15.26
N PRO A 135 17.58 29.81 -16.36
CA PRO A 135 16.88 28.52 -16.57
C PRO A 135 16.97 27.58 -15.37
N GLU A 136 18.11 27.56 -14.66
CA GLU A 136 18.23 26.73 -13.48
C GLU A 136 17.28 27.17 -12.37
N ASP A 137 16.99 28.48 -12.27
CA ASP A 137 15.98 28.94 -11.30
C ASP A 137 14.61 28.40 -11.69
N VAL A 138 14.28 28.47 -12.98
CA VAL A 138 12.99 27.97 -13.46
C VAL A 138 12.87 26.46 -13.21
N ALA A 139 13.95 25.71 -13.42
CA ALA A 139 13.91 24.27 -13.20
C ALA A 139 13.71 23.92 -11.72
N VAL A 140 14.34 24.66 -10.80
CA VAL A 140 14.08 24.42 -9.37
C VAL A 140 12.62 24.68 -9.05
N ARG A 141 12.08 25.80 -9.56
CA ARG A 141 10.67 26.10 -9.31
C ARG A 141 9.75 25.02 -9.83
N LEU A 142 9.99 24.56 -11.07
CA LEU A 142 9.17 23.47 -11.63
C LEU A 142 9.26 22.20 -10.78
N SER A 143 10.47 21.84 -10.34
CA SER A 143 10.65 20.64 -9.53
C SER A 143 9.86 20.73 -8.23
N ASP A 144 9.94 21.89 -7.55
CA ASP A 144 9.19 22.07 -6.31
C ASP A 144 7.68 22.00 -6.56
N PHE A 145 7.21 22.57 -7.68
CA PHE A 145 5.78 22.54 -7.98
C PHE A 145 5.31 21.10 -8.23
N LEU A 146 6.09 20.32 -8.96
CA LEU A 146 5.68 18.95 -9.25
C LEU A 146 5.75 18.06 -8.01
N ILE A 147 6.67 18.34 -7.08
CA ILE A 147 6.64 17.66 -5.78
C ILE A 147 5.36 18.03 -5.01
N TRP A 148 4.95 19.30 -5.06
CA TRP A 148 3.67 19.69 -4.45
C TRP A 148 2.49 18.91 -5.03
N GLU A 149 2.48 18.68 -6.37
CA GLU A 149 1.41 17.86 -6.96
C GLU A 149 1.41 16.44 -6.39
N LEU A 150 2.58 15.88 -6.06
CA LEU A 150 2.63 14.56 -5.45
C LEU A 150 1.99 14.53 -4.06
N TYR A 151 2.15 15.62 -3.31
CA TYR A 151 1.76 15.68 -1.90
CA TYR A 151 1.80 15.74 -1.90
C TYR A 151 0.39 16.30 -1.66
N ARG A 152 -0.28 16.80 -2.69
CA ARG A 152 -1.48 17.56 -2.40
CA ARG A 152 -1.53 17.53 -2.56
C ARG A 152 -2.58 16.67 -1.84
N ASP A 153 -3.31 17.25 -0.89
CA ASP A 153 -4.42 16.49 -0.30
C ASP A 153 -5.70 16.75 -1.09
N TYR A 154 -6.72 15.96 -0.81
CA TYR A 154 -8.04 15.64 -1.36
C TYR A 154 -8.90 16.90 -1.36
N ASP A 155 -8.41 17.97 -0.72
CA ASP A 155 -9.14 19.21 -0.56
C ASP A 155 -8.37 20.42 -1.08
N GLU A 156 -7.39 20.21 -1.96
CA GLU A 156 -6.49 21.27 -2.43
C GLU A 156 -6.43 21.13 -3.95
N PRO A 157 -6.92 22.10 -4.74
CA PRO A 157 -7.14 21.82 -6.17
C PRO A 157 -5.84 21.67 -6.96
N GLY A 158 -5.80 20.65 -7.82
CA GLY A 158 -4.63 20.44 -8.65
C GLY A 158 -4.58 21.37 -9.86
N LYS A 159 -3.39 21.53 -10.40
CA LYS A 159 -3.20 22.28 -11.65
C LYS A 159 -2.87 21.41 -12.83
N MET A 160 -2.09 20.35 -12.64
CA MET A 160 -1.77 19.45 -13.75
C MET A 160 -3.04 18.92 -14.43
N ILE A 161 -4.03 18.49 -13.64
CA ILE A 161 -5.23 17.93 -14.23
C ILE A 161 -5.99 18.98 -15.03
N GLU A 162 -5.97 20.24 -14.58
CA GLU A 162 -6.67 21.29 -15.33
C GLU A 162 -6.01 21.55 -16.67
N VAL A 163 -4.67 21.55 -16.70
CA VAL A 163 -3.93 21.81 -17.94
C VAL A 163 -4.05 20.66 -18.92
N TYR A 164 -3.94 19.41 -18.45
CA TYR A 164 -3.71 18.27 -19.34
C TYR A 164 -4.94 17.39 -19.58
N ALA A 165 -6.05 17.59 -18.84
CA ALA A 165 -7.27 16.84 -19.04
C ALA A 165 -8.34 17.71 -19.71
N PRO A 166 -9.14 17.13 -20.59
CA PRO A 166 -10.18 17.91 -21.28
C PRO A 166 -11.39 18.17 -20.40
N LEU A 167 -12.10 19.27 -20.72
CA LEU A 167 -13.20 19.72 -19.88
C LEU A 167 -14.32 18.69 -19.77
N LYS A 168 -14.71 18.04 -20.86
CA LYS A 168 -15.81 17.09 -20.78
C LYS A 168 -15.50 15.95 -19.80
N ARG A 169 -14.24 15.47 -19.77
CA ARG A 169 -13.81 14.48 -18.78
C ARG A 169 -13.84 15.05 -17.38
N LYS A 170 -13.30 16.26 -17.20
CA LYS A 170 -13.26 16.84 -15.86
C LYS A 170 -14.67 16.97 -15.29
N GLU A 171 -15.65 17.31 -16.14
CA GLU A 171 -17.03 17.42 -15.69
C GLU A 171 -17.58 16.08 -15.24
N VAL A 172 -17.29 15.00 -15.98
CA VAL A 172 -17.70 13.65 -15.56
C VAL A 172 -17.08 13.30 -14.22
N TRP A 173 -15.79 13.57 -14.07
CA TRP A 173 -15.07 13.18 -12.85
C TRP A 173 -15.61 13.95 -11.64
N ARG A 174 -15.89 15.23 -11.80
CA ARG A 174 -16.48 15.98 -10.69
C ARG A 174 -17.86 15.43 -10.33
N LYS A 175 -18.67 15.12 -11.34
CA LYS A 175 -20.02 14.60 -11.07
C LYS A 175 -19.96 13.28 -10.30
N LEU A 176 -19.00 12.42 -10.63
CA LEU A 176 -18.83 11.11 -10.00
C LEU A 176 -18.06 11.16 -8.68
N GLY A 177 -17.45 12.29 -8.35
CA GLY A 177 -16.66 12.37 -7.13
C GLY A 177 -15.34 11.65 -7.22
N ILE A 178 -14.72 11.65 -8.42
CA ILE A 178 -13.44 10.96 -8.55
C ILE A 178 -12.30 11.90 -8.93
N TYR A 179 -12.47 13.22 -8.79
CA TYR A 179 -11.33 14.13 -8.89
C TYR A 179 -10.33 13.76 -7.79
N PRO A 180 -9.09 13.40 -8.11
CA PRO A 180 -8.21 12.82 -7.12
C PRO A 180 -7.40 13.85 -6.32
N ALA A 181 -6.95 13.40 -5.15
CA ALA A 181 -5.88 14.06 -4.42
C ALA A 181 -4.57 13.74 -5.12
N GLY A 182 -3.46 14.23 -4.57
CA GLY A 182 -2.17 13.82 -5.07
C GLY A 182 -2.00 12.33 -4.85
N PRO A 183 -1.10 11.70 -5.61
CA PRO A 183 -1.01 10.23 -5.55
C PRO A 183 -0.56 9.69 -4.20
N LEU A 184 0.27 10.44 -3.45
CA LEU A 184 0.69 9.97 -2.12
CA LEU A 184 0.70 9.96 -2.14
C LEU A 184 -0.49 9.85 -1.16
N HIS A 185 -1.35 10.86 -1.11
CA HIS A 185 -2.55 10.73 -0.27
C HIS A 185 -3.52 9.69 -0.83
N GLU A 186 -3.71 9.66 -2.16
CA GLU A 186 -4.68 8.71 -2.71
CA GLU A 186 -4.66 8.71 -2.74
C GLU A 186 -4.24 7.27 -2.44
N LEU A 187 -2.95 6.95 -2.59
CA LEU A 187 -2.54 5.57 -2.33
C LEU A 187 -2.64 5.22 -0.84
N LYS A 188 -2.33 6.18 0.06
CA LYS A 188 -2.53 5.95 1.49
C LYS A 188 -4.00 5.73 1.82
N ASP A 189 -4.89 6.50 1.20
CA ASP A 189 -6.32 6.34 1.46
C ASP A 189 -6.84 4.99 0.96
N ALA A 190 -6.37 4.58 -0.22
CA ALA A 190 -6.76 3.29 -0.79
C ALA A 190 -6.28 2.14 0.09
N ALA A 191 -5.01 2.20 0.55
CA ALA A 191 -4.51 1.15 1.43
C ALA A 191 -5.30 1.09 2.73
N ALA A 192 -5.60 2.25 3.33
CA ALA A 192 -6.37 2.25 4.57
C ALA A 192 -7.77 1.67 4.36
N SER A 193 -8.37 1.93 3.20
CA SER A 193 -9.71 1.41 2.89
C SER A 193 -9.74 -0.11 2.82
N CYS A 194 -8.61 -0.73 2.50
CA CYS A 194 -8.53 -2.18 2.32
C CYS A 194 -8.32 -2.94 3.63
N LEU A 195 -7.99 -2.26 4.72
CA LEU A 195 -7.87 -2.94 6.01
C LEU A 195 -9.21 -3.56 6.38
N THR A 196 -9.17 -4.72 7.08
CA THR A 196 -10.40 -5.40 7.48
C THR A 196 -11.36 -4.45 8.18
N ASN A 197 -12.64 -4.57 7.83
CA ASN A 197 -13.73 -3.84 8.50
C ASN A 197 -13.63 -2.33 8.28
N VAL A 198 -13.17 -1.92 7.08
CA VAL A 198 -13.15 -0.52 6.68
C VAL A 198 -14.10 -0.36 5.48
N ASP A 199 -13.59 -0.54 4.23
CA ASP A 199 -14.44 -0.49 3.02
C ASP A 199 -14.68 -1.91 2.49
N GLY A 200 -15.93 -2.38 2.60
CA GLY A 200 -16.39 -3.66 2.09
C GLY A 200 -17.44 -3.55 0.99
N ASP A 201 -17.49 -2.41 0.29
CA ASP A 201 -18.48 -2.13 -0.73
CA ASP A 201 -18.49 -2.13 -0.75
C ASP A 201 -17.81 -2.15 -2.12
N TYR A 202 -18.13 -3.15 -2.94
CA TYR A 202 -17.41 -3.31 -4.22
C TYR A 202 -17.53 -2.09 -5.13
N VAL A 203 -18.67 -1.38 -5.10
CA VAL A 203 -18.81 -0.20 -5.96
C VAL A 203 -17.89 0.92 -5.48
N SER A 204 -17.81 1.14 -4.16
CA SER A 204 -16.91 2.12 -3.58
C SER A 204 -15.45 1.78 -3.87
N LEU A 205 -15.07 0.51 -3.68
CA LEU A 205 -13.71 0.07 -3.95
C LEU A 205 -13.33 0.27 -5.41
N ALA A 206 -14.26 -0.02 -6.32
CA ALA A 206 -13.97 0.21 -7.74
C ALA A 206 -13.80 1.69 -8.01
N THR A 207 -14.67 2.53 -7.45
CA THR A 207 -14.56 3.98 -7.60
C THR A 207 -13.22 4.50 -7.07
N LYS A 208 -12.76 3.96 -5.93
CA LYS A 208 -11.45 4.33 -5.41
C LYS A 208 -10.32 3.88 -6.33
N GLY A 209 -10.50 2.74 -7.02
CA GLY A 209 -9.54 2.34 -8.06
C GLY A 209 -9.47 3.33 -9.22
N LEU A 210 -10.63 3.82 -9.68
CA LEU A 210 -10.65 4.82 -10.75
C LEU A 210 -9.94 6.10 -10.31
N ARG A 211 -10.20 6.55 -9.07
CA ARG A 211 -9.51 7.71 -8.52
CA ARG A 211 -9.51 7.73 -8.56
C ARG A 211 -8.00 7.50 -8.49
N LEU A 212 -7.59 6.32 -8.08
CA LEU A 212 -6.18 6.00 -7.99
C LEU A 212 -5.52 6.09 -9.36
N GLY A 213 -6.18 5.57 -10.40
CA GLY A 213 -5.67 5.69 -11.75
C GLY A 213 -5.51 7.12 -12.21
N LEU A 214 -6.52 7.96 -11.97
CA LEU A 214 -6.42 9.38 -12.30
C LEU A 214 -5.26 10.03 -11.57
N SER A 215 -5.08 9.74 -10.28
CA SER A 215 -3.99 10.37 -9.51
C SER A 215 -2.64 9.97 -10.07
N CYS A 216 -2.54 8.73 -10.57
CA CYS A 216 -1.27 8.26 -11.11
CA CYS A 216 -1.28 8.25 -11.13
C CYS A 216 -0.89 9.00 -12.40
N ILE A 217 -1.84 9.17 -13.33
CA ILE A 217 -1.52 9.82 -14.60
C ILE A 217 -1.26 11.32 -14.41
N TYR A 218 -2.18 12.03 -13.75
CA TYR A 218 -2.03 13.48 -13.67
C TYR A 218 -1.07 13.91 -12.58
N GLY A 219 -0.96 13.12 -11.49
CA GLY A 219 -0.10 13.49 -10.39
C GLY A 219 1.29 12.92 -10.41
N ALA A 220 1.58 11.93 -11.29
CA ALA A 220 2.92 11.33 -11.38
C ALA A 220 3.43 11.20 -12.81
N GLN A 221 2.69 10.52 -13.69
CA GLN A 221 3.23 10.10 -14.99
C GLN A 221 3.50 11.26 -15.93
N ILE A 222 2.54 12.20 -16.09
CA ILE A 222 2.78 13.27 -17.04
C ILE A 222 3.97 14.12 -16.61
N GLY A 223 4.02 14.51 -15.33
CA GLY A 223 5.13 15.29 -14.83
C GLY A 223 6.46 14.60 -15.00
N LEU A 224 6.53 13.32 -14.62
CA LEU A 224 7.82 12.64 -14.68
C LEU A 224 8.32 12.48 -16.11
N GLU A 225 7.44 12.19 -17.06
CA GLU A 225 7.92 12.02 -18.43
C GLU A 225 8.35 13.34 -19.04
N LEU A 226 7.61 14.43 -18.76
CA LEU A 226 8.05 15.72 -19.27
C LEU A 226 9.35 16.19 -18.63
N VAL A 227 9.57 15.89 -17.35
CA VAL A 227 10.86 16.19 -16.71
C VAL A 227 11.99 15.36 -17.32
N GLN A 228 11.74 14.08 -17.63
CA GLN A 228 12.76 13.29 -18.31
C GLN A 228 13.06 13.84 -19.70
N ASP A 229 12.05 14.38 -20.40
CA ASP A 229 12.28 15.07 -21.67
C ASP A 229 13.12 16.34 -21.46
N ILE A 230 12.86 17.10 -20.39
CA ILE A 230 13.66 18.29 -20.11
C ILE A 230 15.13 17.91 -19.91
N LEU A 231 15.38 16.85 -19.15
CA LEU A 231 16.74 16.41 -18.87
C LEU A 231 17.42 15.80 -20.10
N PHE A 232 16.72 14.96 -20.85
CA PHE A 232 17.37 14.08 -21.82
C PHE A 232 16.92 14.28 -23.27
N GLY A 233 16.01 15.23 -23.52
CA GLY A 233 15.50 15.50 -24.86
C GLY A 233 14.14 14.86 -25.10
N THR A 234 13.35 15.50 -25.96
CA THR A 234 12.07 14.93 -26.44
C THR A 234 12.30 14.01 -27.65
N GLY A 235 11.78 12.79 -27.55
CA GLY A 235 12.06 11.79 -28.57
C GLY A 235 11.53 12.20 -29.94
N MET A 236 12.31 11.87 -30.97
CA MET A 236 11.92 11.90 -32.36
C MET A 236 12.26 10.57 -33.02
N PRO A 237 11.57 10.23 -34.11
CA PRO A 237 11.73 8.89 -34.69
C PRO A 237 13.13 8.66 -35.24
N HIS A 238 13.70 7.50 -34.90
CA HIS A 238 15.01 7.11 -35.42
C HIS A 238 15.15 5.59 -35.37
N GLU A 239 16.09 5.07 -36.17
CA GLU A 239 16.27 3.63 -36.28
C GLU A 239 17.06 3.10 -35.09
N MET A 240 16.65 1.96 -34.58
CA MET A 240 17.30 1.32 -33.44
C MET A 240 17.43 -0.18 -33.74
N ASP A 241 18.47 -0.80 -33.18
CA ASP A 241 18.64 -2.25 -33.21
C ASP A 241 18.03 -2.85 -31.95
N VAL A 242 17.33 -4.00 -32.11
CA VAL A 242 16.72 -4.74 -31.01
C VAL A 242 16.93 -6.24 -31.20
N ASP A 243 16.65 -6.99 -30.13
CA ASP A 243 16.81 -8.45 -30.01
C ASP A 243 18.23 -8.83 -29.60
N LEU A 244 18.44 -10.09 -29.23
CA LEU A 244 19.63 -10.50 -28.49
C LEU A 244 20.87 -10.68 -29.36
N GLY A 245 20.73 -10.68 -30.69
CA GLY A 245 21.88 -10.67 -31.60
C GLY A 245 22.74 -9.42 -31.53
N ILE A 246 22.28 -8.37 -30.86
CA ILE A 246 23.08 -7.14 -30.74
C ILE A 246 24.31 -7.34 -29.88
N PHE A 247 24.34 -8.38 -29.06
CA PHE A 247 25.53 -8.63 -28.24
C PHE A 247 26.68 -9.18 -29.07
N ASP A 248 27.90 -8.82 -28.67
CA ASP A 248 29.14 -9.37 -29.20
C ASP A 248 30.04 -9.76 -28.04
N ALA A 249 30.50 -11.01 -28.01
CA ALA A 249 31.18 -11.54 -26.84
C ALA A 249 32.53 -10.89 -26.57
N ASP A 250 33.13 -10.20 -27.54
CA ASP A 250 34.49 -9.68 -27.43
C ASP A 250 34.53 -8.26 -26.88
N TYR A 251 33.39 -7.68 -26.52
CA TYR A 251 33.32 -6.37 -25.88
C TYR A 251 32.96 -6.54 -24.42
N ILE A 252 33.26 -5.53 -23.60
CA ILE A 252 32.74 -5.46 -22.24
C ILE A 252 31.31 -4.96 -22.35
N ASN A 253 30.37 -5.75 -21.88
CA ASN A 253 28.95 -5.52 -22.09
C ASN A 253 28.25 -5.23 -20.76
N ILE A 254 27.77 -3.99 -20.59
CA ILE A 254 27.01 -3.56 -19.40
C ILE A 254 25.58 -3.33 -19.83
N VAL A 255 24.65 -3.98 -19.15
CA VAL A 255 23.23 -3.90 -19.47
C VAL A 255 22.53 -3.20 -18.30
N PHE A 256 21.79 -2.13 -18.59
CA PHE A 256 20.95 -1.49 -17.57
CA PHE A 256 20.96 -1.48 -17.58
C PHE A 256 19.50 -1.90 -17.74
N ASN A 257 18.83 -2.21 -16.61
CA ASN A 257 17.54 -2.92 -16.58
C ASN A 257 16.64 -2.41 -15.44
N GLY A 258 15.40 -1.99 -15.75
CA GLY A 258 14.46 -1.49 -14.74
C GLY A 258 13.42 -0.55 -15.36
N HIS A 259 13.06 0.56 -14.69
CA HIS A 259 12.19 1.60 -15.24
C HIS A 259 12.78 3.00 -15.22
N GLU A 260 13.68 3.35 -14.20
CA GLU A 260 14.24 4.70 -14.09
C GLU A 260 15.54 4.81 -14.89
N PRO A 261 15.66 5.76 -15.83
CA PRO A 261 16.81 5.78 -16.76
C PRO A 261 18.06 6.51 -16.29
N PHE A 262 18.12 7.02 -15.05
CA PHE A 262 19.18 7.94 -14.65
C PHE A 262 20.55 7.25 -14.66
N VAL A 263 20.63 6.05 -14.07
CA VAL A 263 21.90 5.32 -14.05
C VAL A 263 22.34 4.96 -15.46
N GLY A 264 21.40 4.58 -16.32
CA GLY A 264 21.76 4.23 -17.68
C GLY A 264 22.36 5.39 -18.45
N VAL A 265 21.78 6.59 -18.31
CA VAL A 265 22.33 7.76 -18.98
C VAL A 265 23.74 8.06 -18.46
N ALA A 266 23.93 7.97 -17.13
CA ALA A 266 25.23 8.21 -16.54
C ALA A 266 26.26 7.18 -17.03
N LEU A 267 25.82 5.93 -17.24
CA LEU A 267 26.73 4.92 -17.77
C LEU A 267 27.18 5.25 -19.19
N ILE A 268 26.26 5.70 -20.05
CA ILE A 268 26.61 6.07 -21.42
C ILE A 268 27.59 7.22 -21.42
N LEU A 269 27.33 8.23 -20.59
CA LEU A 269 28.25 9.37 -20.51
C LEU A 269 29.64 8.93 -20.03
N ALA A 270 29.69 8.04 -19.02
CA ALA A 270 30.98 7.60 -18.52
C ALA A 270 31.71 6.71 -19.53
N ALA A 271 30.97 5.84 -20.24
CA ALA A 271 31.58 4.96 -21.22
C ALA A 271 32.18 5.70 -22.39
N LYS A 272 31.69 6.90 -22.69
CA LYS A 272 32.24 7.70 -23.77
C LYS A 272 33.54 8.41 -23.39
N GLU A 273 33.97 8.33 -22.13
CA GLU A 273 35.27 8.88 -21.74
C GLU A 273 36.39 7.98 -22.25
N ALA A 274 37.39 8.60 -22.89
CA ALA A 274 38.48 7.84 -23.47
C ALA A 274 39.19 6.97 -22.43
N VAL A 275 39.32 7.47 -21.20
CA VAL A 275 39.99 6.69 -20.17
CA VAL A 275 39.99 6.69 -20.16
C VAL A 275 39.29 5.37 -19.93
N ASN A 276 37.96 5.35 -20.05
CA ASN A 276 37.24 4.09 -19.81
C ASN A 276 37.34 3.14 -20.99
N GLN A 277 37.29 3.66 -22.21
CA GLN A 277 37.52 2.81 -23.38
C GLN A 277 38.93 2.22 -23.34
N ASP A 278 39.91 3.00 -22.89
CA ASP A 278 41.28 2.52 -22.77
C ASP A 278 41.41 1.39 -21.75
N LYS A 279 40.69 1.49 -20.61
CA LYS A 279 40.68 0.41 -19.62
C LYS A 279 40.13 -0.88 -20.23
N ALA A 280 39.04 -0.77 -20.97
CA ALA A 280 38.45 -1.95 -21.63
C ALA A 280 39.45 -2.60 -22.57
N LYS A 281 40.14 -1.80 -23.39
CA LYS A 281 41.08 -2.36 -24.36
C LYS A 281 42.28 -3.01 -23.66
N ALA A 282 42.77 -2.38 -22.58
CA ALA A 282 43.89 -2.96 -21.86
C ALA A 282 43.51 -4.28 -21.20
N ALA A 283 42.23 -4.53 -21.00
CA ALA A 283 41.75 -5.78 -20.42
C ALA A 283 41.54 -6.88 -21.46
N GLY A 284 41.78 -6.61 -22.73
CA GLY A 284 41.60 -7.59 -23.78
C GLY A 284 40.33 -7.46 -24.58
N ALA A 285 39.48 -6.48 -24.29
CA ALA A 285 38.21 -6.30 -25.00
C ALA A 285 38.41 -5.39 -26.22
N LYS A 286 37.50 -5.52 -27.19
CA LYS A 286 37.54 -4.61 -28.35
C LYS A 286 37.21 -3.19 -27.93
N SER A 287 36.24 -3.03 -27.05
CA SER A 287 35.86 -1.75 -26.47
CA SER A 287 35.82 -1.75 -26.50
C SER A 287 34.76 -2.00 -25.43
N LEU A 288 34.18 -0.95 -24.88
CA LEU A 288 33.16 -1.05 -23.84
C LEU A 288 31.83 -0.56 -24.40
N ARG A 289 30.77 -1.35 -24.21
CA ARG A 289 29.45 -1.03 -24.74
CA ARG A 289 29.45 -1.05 -24.74
C ARG A 289 28.40 -1.07 -23.64
N ILE A 290 27.37 -0.24 -23.83
CA ILE A 290 26.20 -0.16 -22.94
C ILE A 290 24.97 -0.61 -23.71
N TYR A 291 24.12 -1.42 -23.06
CA TYR A 291 22.86 -1.88 -23.63
C TYR A 291 21.72 -1.59 -22.67
N GLY A 292 20.53 -1.40 -23.22
CA GLY A 292 19.31 -1.18 -22.43
C GLY A 292 18.41 -2.41 -22.45
N SER A 293 17.74 -2.65 -21.33
CA SER A 293 16.81 -3.75 -21.15
C SER A 293 15.50 -3.21 -20.55
N ILE A 294 14.39 -3.85 -20.93
CA ILE A 294 13.04 -3.51 -20.49
C ILE A 294 12.79 -2.00 -20.54
N GLU A 295 12.12 -1.45 -19.53
CA GLU A 295 11.55 -0.10 -19.65
C GLU A 295 12.62 1.00 -19.52
N SER A 296 13.62 0.83 -18.67
CA SER A 296 14.74 1.79 -18.66
C SER A 296 15.42 1.84 -20.02
N GLY A 297 15.62 0.66 -20.63
CA GLY A 297 16.18 0.62 -21.96
C GLY A 297 15.32 1.35 -22.97
N GLN A 298 14.00 1.14 -22.89
CA GLN A 298 13.10 1.80 -23.83
C GLN A 298 13.11 3.31 -23.65
N GLU A 299 13.14 3.81 -22.41
CA GLU A 299 13.27 5.25 -22.17
C GLU A 299 14.47 5.83 -22.93
N VAL A 300 15.60 5.13 -22.88
CA VAL A 300 16.80 5.60 -23.55
C VAL A 300 16.69 5.49 -25.07
N VAL A 301 16.15 4.37 -25.59
CA VAL A 301 16.05 4.27 -27.05
C VAL A 301 15.07 5.29 -27.61
N GLN A 302 14.10 5.75 -26.82
CA GLN A 302 13.20 6.80 -27.29
C GLN A 302 13.96 8.09 -27.60
N ARG A 303 15.05 8.36 -26.87
CA ARG A 303 15.68 9.68 -26.87
C ARG A 303 17.13 9.69 -27.34
N PHE A 304 17.80 8.54 -27.48
CA PHE A 304 19.21 8.47 -27.83
C PHE A 304 19.40 7.64 -29.08
N GLN A 305 20.47 7.96 -29.83
CA GLN A 305 20.82 7.24 -31.05
C GLN A 305 21.66 6.01 -30.72
N LYS A 306 21.62 5.02 -31.62
CA LYS A 306 22.61 3.95 -31.60
C LYS A 306 23.94 4.55 -32.05
N ASP A 307 25.01 4.21 -31.32
CA ASP A 307 26.35 4.62 -31.75
C ASP A 307 27.36 3.54 -31.30
N GLU A 308 28.65 3.88 -31.32
CA GLU A 308 29.67 2.89 -31.00
C GLU A 308 29.57 2.42 -29.55
N VAL A 309 28.93 3.22 -28.69
CA VAL A 309 28.86 2.95 -27.25
C VAL A 309 27.52 2.33 -26.87
N PHE A 310 26.41 3.01 -27.19
CA PHE A 310 25.07 2.53 -26.85
C PHE A 310 24.50 1.71 -28.00
N ARG A 311 24.14 0.45 -27.74
CA ARG A 311 23.90 -0.51 -28.81
C ARG A 311 22.44 -0.88 -29.06
N GLY A 312 21.51 -0.48 -28.17
CA GLY A 312 20.10 -0.73 -28.40
C GLY A 312 19.44 -1.48 -27.26
N LEU A 313 18.34 -2.17 -27.59
CA LEU A 313 17.43 -2.74 -26.61
C LEU A 313 17.40 -4.27 -26.69
N THR A 314 17.58 -4.92 -25.54
CA THR A 314 17.64 -6.38 -25.52
C THR A 314 16.26 -7.02 -25.73
N GLY A 315 15.24 -6.52 -25.02
CA GLY A 315 13.94 -7.18 -24.99
C GLY A 315 13.23 -6.93 -23.67
N ASN A 316 12.06 -7.59 -23.51
CA ASN A 316 11.21 -7.40 -22.33
C ASN A 316 11.56 -8.37 -21.18
N TRP A 317 10.74 -8.43 -20.11
CA TRP A 317 11.23 -9.05 -18.86
C TRP A 317 11.42 -10.58 -18.95
N LEU A 318 10.62 -11.28 -19.74
CA LEU A 318 10.81 -12.71 -19.92
C LEU A 318 12.07 -13.03 -20.74
N THR A 319 12.76 -12.00 -21.26
CA THR A 319 14.04 -12.15 -21.95
CA THR A 319 14.02 -12.20 -21.94
C THR A 319 15.24 -12.06 -21.01
N ILE A 320 15.04 -11.71 -19.73
CA ILE A 320 16.19 -11.47 -18.84
C ILE A 320 16.95 -12.76 -18.54
N GLU A 321 16.25 -13.83 -18.16
CA GLU A 321 16.92 -15.10 -17.93
C GLU A 321 17.59 -15.61 -19.22
N PRO A 322 16.91 -15.61 -20.39
CA PRO A 322 17.60 -15.97 -21.63
C PRO A 322 18.81 -15.10 -21.92
N MET A 323 18.71 -13.78 -21.70
CA MET A 323 19.84 -12.90 -21.93
C MET A 323 21.08 -13.34 -21.15
N LEU A 324 20.93 -13.72 -19.88
CA LEU A 324 22.07 -14.19 -19.11
C LEU A 324 22.66 -15.45 -19.74
N ALA A 325 21.81 -16.30 -20.33
CA ALA A 325 22.28 -17.55 -20.93
C ALA A 325 23.10 -17.32 -22.21
N THR A 326 23.16 -16.09 -22.74
CA THR A 326 24.06 -15.84 -23.86
C THR A 326 25.53 -16.05 -23.47
N GLY A 327 25.84 -15.89 -22.19
CA GLY A 327 27.23 -15.86 -21.77
C GLY A 327 28.00 -14.67 -22.31
N ALA A 328 27.32 -13.55 -22.55
CA ALA A 328 27.94 -12.34 -23.05
C ALA A 328 27.86 -11.15 -22.11
N VAL A 329 27.09 -11.23 -21.03
CA VAL A 329 26.86 -10.08 -20.16
C VAL A 329 27.96 -10.00 -19.09
N ASP A 330 28.53 -8.82 -18.91
CA ASP A 330 29.48 -8.59 -17.82
C ASP A 330 28.84 -8.03 -16.56
N VAL A 331 28.03 -6.97 -16.67
CA VAL A 331 27.22 -6.47 -15.55
C VAL A 331 25.79 -6.31 -16.00
N LEU A 332 24.85 -6.78 -15.16
CA LEU A 332 23.45 -6.41 -15.24
C LEU A 332 23.18 -5.48 -14.05
N ALA A 333 22.87 -4.22 -14.35
CA ALA A 333 22.59 -3.18 -13.37
C ALA A 333 21.09 -2.92 -13.30
N MET A 334 20.50 -3.15 -12.13
CA MET A 334 19.06 -3.28 -11.99
C MET A 334 18.47 -2.17 -11.11
N ASP A 335 17.51 -1.42 -11.65
CA ASP A 335 17.01 -0.26 -10.91
C ASP A 335 15.58 -0.37 -10.42
N MET A 336 14.81 -1.31 -10.91
CA MET A 336 13.42 -1.46 -10.47
C MET A 336 12.92 -2.80 -11.05
N ASN A 337 11.61 -3.03 -10.94
CA ASN A 337 11.02 -4.14 -11.66
C ASN A 337 11.23 -3.93 -13.15
N CYS A 338 11.25 -5.01 -13.93
CA CYS A 338 11.36 -6.40 -13.48
C CYS A 338 12.84 -6.88 -13.29
N SER A 339 13.17 -7.31 -12.06
CA SER A 339 14.43 -7.95 -11.71
C SER A 339 14.13 -9.28 -11.01
N PRO A 340 13.97 -10.37 -11.77
CA PRO A 340 13.41 -11.62 -11.18
C PRO A 340 14.31 -12.22 -10.11
N PRO A 341 13.74 -12.72 -9.02
CA PRO A 341 14.57 -12.97 -7.82
C PRO A 341 15.43 -14.24 -7.82
N ASN A 342 15.40 -15.06 -8.88
CA ASN A 342 16.29 -16.23 -8.98
C ASN A 342 17.38 -16.01 -10.03
N LEU A 343 17.73 -14.77 -10.35
CA LEU A 343 18.83 -14.58 -11.29
C LEU A 343 20.19 -15.04 -10.77
N GLY A 344 20.40 -15.07 -9.45
CA GLY A 344 21.70 -15.38 -8.91
C GLY A 344 22.40 -16.59 -9.49
N PRO A 345 21.76 -17.77 -9.45
CA PRO A 345 22.42 -18.98 -9.97
C PRO A 345 22.71 -18.92 -11.46
N LEU A 346 21.91 -18.17 -12.22
CA LEU A 346 22.18 -18.00 -13.64
C LEU A 346 23.40 -17.11 -13.86
N ALA A 347 23.48 -16.00 -13.12
CA ALA A 347 24.66 -15.15 -13.21
C ALA A 347 25.92 -15.93 -12.85
N GLU A 348 25.85 -16.81 -11.85
CA GLU A 348 27.03 -17.59 -11.48
C GLU A 348 27.44 -18.53 -12.61
N LYS A 349 26.48 -19.24 -13.19
CA LYS A 349 26.79 -20.22 -14.21
CA LYS A 349 26.79 -20.23 -14.22
C LYS A 349 27.34 -19.56 -15.47
N TYR A 350 26.80 -18.40 -15.84
CA TYR A 350 27.16 -17.75 -17.09
C TYR A 350 28.22 -16.68 -16.94
N GLY A 351 28.75 -16.45 -15.74
CA GLY A 351 29.84 -15.50 -15.54
C GLY A 351 29.46 -14.04 -15.68
N ALA A 352 28.28 -13.65 -15.19
CA ALA A 352 27.85 -12.25 -15.16
C ALA A 352 27.80 -11.75 -13.72
N THR A 353 28.00 -10.45 -13.55
CA THR A 353 27.94 -9.81 -12.23
C THR A 353 26.65 -8.99 -12.11
N LEU A 354 25.97 -9.14 -10.98
CA LEU A 354 24.69 -8.49 -10.70
C LEU A 354 24.92 -7.29 -9.79
N VAL A 355 24.41 -6.13 -10.19
CA VAL A 355 24.50 -4.91 -9.38
C VAL A 355 23.10 -4.32 -9.21
N SER A 356 22.65 -4.13 -7.96
CA SER A 356 21.43 -3.37 -7.70
C SER A 356 21.76 -1.88 -7.58
N VAL A 357 20.99 -1.04 -8.26
CA VAL A 357 21.17 0.42 -8.19
C VAL A 357 19.92 1.10 -7.62
N SER A 358 19.14 0.36 -6.82
CA SER A 358 18.00 0.93 -6.13
C SER A 358 17.76 0.19 -4.81
N ARG A 359 17.45 0.94 -3.75
CA ARG A 359 17.08 0.31 -2.48
C ARG A 359 15.86 -0.59 -2.58
N LEU A 360 15.04 -0.41 -3.63
CA LEU A 360 13.89 -1.28 -3.82
C LEU A 360 14.28 -2.70 -4.21
N VAL A 361 15.37 -2.87 -4.96
CA VAL A 361 15.69 -4.14 -5.61
C VAL A 361 16.69 -4.92 -4.76
N ARG A 362 16.23 -6.06 -4.24
CA ARG A 362 17.05 -6.99 -3.46
C ARG A 362 16.55 -8.41 -3.74
N PHE A 363 17.48 -9.36 -3.82
CA PHE A 363 17.17 -10.78 -3.95
C PHE A 363 18.48 -11.56 -3.77
N PRO A 364 18.42 -12.87 -3.52
CA PRO A 364 19.65 -13.61 -3.20
C PRO A 364 20.70 -13.56 -4.32
N GLY A 365 21.96 -13.40 -3.93
CA GLY A 365 23.06 -13.56 -4.88
C GLY A 365 23.49 -12.32 -5.63
N ILE A 366 22.98 -11.13 -5.29
CA ILE A 366 23.48 -9.90 -5.89
C ILE A 366 24.89 -9.61 -5.37
N HIS A 367 25.76 -9.15 -6.27
CA HIS A 367 27.16 -8.97 -5.93
C HIS A 367 27.46 -7.58 -5.37
N HIS A 368 26.73 -6.55 -5.80
CA HIS A 368 27.00 -5.20 -5.31
C HIS A 368 25.70 -4.42 -5.18
N PHE A 369 25.67 -3.52 -4.19
CA PHE A 369 24.52 -2.67 -3.86
C PHE A 369 24.94 -1.20 -3.89
N LEU A 370 24.49 -0.47 -4.92
CA LEU A 370 24.85 0.94 -5.13
C LEU A 370 23.57 1.76 -5.24
N ASP A 371 22.97 2.08 -4.09
CA ASP A 371 21.69 2.79 -4.05
C ASP A 371 21.79 4.16 -4.74
N TYR A 372 20.80 4.49 -5.57
CA TYR A 372 20.83 5.75 -6.33
C TYR A 372 20.62 6.98 -5.44
N LYS A 373 21.44 8.02 -5.69
CA LYS A 373 21.20 9.41 -5.25
C LYS A 373 21.71 10.27 -6.40
N PRO A 374 20.97 11.32 -6.79
CA PRO A 374 21.43 12.16 -7.92
C PRO A 374 22.88 12.65 -7.78
N SER A 375 23.29 13.08 -6.58
CA SER A 375 24.63 13.62 -6.38
C SER A 375 25.71 12.55 -6.35
N GLU A 376 25.35 11.28 -6.37
CA GLU A 376 26.30 10.19 -6.38
C GLU A 376 26.29 9.39 -7.67
N VAL A 377 25.43 9.72 -8.65
CA VAL A 377 25.29 8.85 -9.82
C VAL A 377 26.54 8.84 -10.69
N ARG A 378 27.31 9.93 -10.71
CA ARG A 378 28.58 9.92 -11.45
C ARG A 378 29.51 8.84 -10.89
N GLU A 379 29.63 8.78 -9.55
CA GLU A 379 30.47 7.76 -8.95
C GLU A 379 29.89 6.36 -9.11
N ILE A 380 28.56 6.23 -9.05
CA ILE A 380 27.93 4.92 -9.25
C ILE A 380 28.30 4.37 -10.63
N ALA A 381 28.15 5.20 -11.66
CA ALA A 381 28.45 4.75 -13.03
C ALA A 381 29.91 4.32 -13.14
N GLN A 382 30.83 5.09 -12.56
CA GLN A 382 32.23 4.72 -12.69
C GLN A 382 32.53 3.41 -11.96
N LYS A 383 31.94 3.23 -10.77
CA LYS A 383 32.15 1.98 -10.05
C LYS A 383 31.64 0.78 -10.86
N ILE A 384 30.49 0.91 -11.51
CA ILE A 384 29.96 -0.16 -12.34
C ILE A 384 30.92 -0.49 -13.48
N ILE A 385 31.50 0.52 -14.12
CA ILE A 385 32.43 0.25 -15.20
C ILE A 385 33.65 -0.53 -14.68
N ASP A 386 34.20 -0.09 -13.55
CA ASP A 386 35.35 -0.80 -13.00
C ASP A 386 34.99 -2.24 -12.63
N ILE A 387 33.79 -2.45 -12.06
CA ILE A 387 33.32 -3.80 -11.76
C ILE A 387 33.23 -4.63 -13.03
N ALA A 388 32.72 -4.04 -14.11
CA ALA A 388 32.54 -4.78 -15.36
C ALA A 388 33.88 -5.17 -15.98
N VAL A 389 34.88 -4.29 -15.90
CA VAL A 389 36.21 -4.61 -16.43
C VAL A 389 36.80 -5.80 -15.67
N ASP A 390 36.71 -5.78 -14.34
CA ASP A 390 37.21 -6.88 -13.53
CA ASP A 390 37.21 -6.88 -13.53
C ASP A 390 36.46 -8.18 -13.86
N SER A 391 35.14 -8.10 -14.00
CA SER A 391 34.34 -9.30 -14.27
C SER A 391 34.71 -9.91 -15.62
N PHE A 392 34.81 -9.08 -16.65
CA PHE A 392 35.22 -9.55 -17.97
C PHE A 392 36.53 -10.32 -17.88
N LYS A 393 37.49 -9.78 -17.15
CA LYS A 393 38.82 -10.38 -17.08
C LYS A 393 38.81 -11.68 -16.29
N ASN A 394 38.12 -11.69 -15.14
CA ASN A 394 38.26 -12.79 -14.19
C ASN A 394 37.19 -13.85 -14.32
N LYS A 395 35.99 -13.47 -14.77
CA LYS A 395 34.87 -14.41 -14.85
C LYS A 395 34.58 -14.92 -16.25
N ARG A 396 34.60 -14.06 -17.27
CA ARG A 396 33.94 -14.40 -18.53
C ARG A 396 34.87 -14.62 -19.72
N HIS A 397 35.71 -13.65 -20.07
CA HIS A 397 36.32 -13.67 -21.40
C HIS A 397 37.23 -14.88 -21.60
N GLY A 398 36.95 -15.69 -22.63
CA GLY A 398 37.75 -16.87 -22.90
C GLY A 398 37.50 -18.02 -21.96
N LYS A 399 36.58 -17.86 -21.01
CA LYS A 399 36.28 -18.86 -19.99
C LYS A 399 34.86 -19.38 -20.12
N ILE A 400 33.89 -18.47 -20.22
CA ILE A 400 32.50 -18.81 -20.49
C ILE A 400 32.32 -18.91 -22.00
N THR A 401 31.64 -19.98 -22.45
CA THR A 401 31.34 -20.15 -23.87
C THR A 401 30.14 -19.29 -24.28
N PRO A 402 30.30 -18.33 -25.17
CA PRO A 402 29.13 -17.53 -25.59
C PRO A 402 28.29 -18.30 -26.59
N LYS A 403 26.97 -18.07 -26.51
CA LYS A 403 26.01 -18.66 -27.44
C LYS A 403 24.96 -17.58 -27.73
N ILE A 404 25.32 -16.65 -28.60
CA ILE A 404 24.49 -15.48 -28.90
C ILE A 404 23.65 -15.80 -30.14
N PRO A 405 22.33 -15.76 -30.06
CA PRO A 405 21.52 -15.99 -31.25
C PRO A 405 21.78 -14.92 -32.32
N ALA A 406 21.60 -15.28 -33.59
CA ALA A 406 21.92 -14.35 -34.67
C ALA A 406 20.91 -13.20 -34.83
N ASN A 407 19.72 -13.27 -34.21
CA ASN A 407 18.60 -12.41 -34.58
C ASN A 407 18.81 -10.95 -34.16
N ILE A 408 18.72 -10.04 -35.14
CA ILE A 408 18.65 -8.60 -34.91
C ILE A 408 17.50 -8.05 -35.76
N GLN A 409 16.66 -7.21 -35.16
CA GLN A 409 15.58 -6.54 -35.88
C GLN A 409 15.74 -5.02 -35.80
N LYS A 410 15.25 -4.34 -36.83
CA LYS A 410 15.23 -2.88 -36.85
C LYS A 410 13.86 -2.37 -36.39
N ALA A 411 13.88 -1.33 -35.55
CA ALA A 411 12.64 -0.68 -35.14
C ALA A 411 12.83 0.84 -35.19
N ILE A 412 11.77 1.55 -35.58
CA ILE A 412 11.77 3.00 -35.52
C ILE A 412 11.19 3.38 -34.15
N THR A 413 12.02 3.94 -33.28
CA THR A 413 11.68 4.30 -31.91
C THR A 413 11.61 5.82 -31.79
N GLY A 414 10.99 6.28 -30.70
CA GLY A 414 10.99 7.69 -30.37
C GLY A 414 9.77 8.45 -30.84
N PHE A 415 8.65 7.78 -31.09
CA PHE A 415 7.43 8.53 -31.33
C PHE A 415 6.95 9.20 -30.06
N THR A 416 6.49 10.42 -30.22
CA THR A 416 5.97 11.29 -29.18
C THR A 416 4.82 12.06 -29.81
N PRO A 417 4.00 12.76 -29.03
CA PRO A 417 3.03 13.68 -29.65
C PRO A 417 3.70 14.65 -30.61
N GLU A 418 4.84 15.20 -30.19
CA GLU A 418 5.57 16.16 -31.01
C GLU A 418 5.97 15.55 -32.37
N ALA A 419 6.42 14.29 -32.37
CA ALA A 419 6.83 13.65 -33.61
C ALA A 419 5.64 13.41 -34.53
N ILE A 420 4.48 13.05 -33.98
CA ILE A 420 3.30 12.83 -34.81
C ILE A 420 2.89 14.13 -35.48
N LEU A 421 2.82 15.22 -34.71
CA LEU A 421 2.48 16.50 -35.31
C LEU A 421 3.44 16.86 -36.43
N LYS A 422 4.74 16.64 -36.23
CA LYS A 422 5.71 17.00 -37.27
C LYS A 422 5.50 16.17 -38.53
N ALA A 423 5.23 14.88 -38.38
CA ALA A 423 4.97 14.03 -39.53
C ALA A 423 3.73 14.46 -40.30
N LEU A 424 2.73 15.03 -39.61
CA LEU A 424 1.49 15.50 -40.23
C LEU A 424 1.59 16.93 -40.79
N GLY A 425 2.75 17.57 -40.76
CA GLY A 425 2.87 18.91 -41.27
C GLY A 425 2.47 20.00 -40.29
N GLY A 426 2.34 19.68 -39.01
CA GLY A 426 2.25 20.69 -37.97
C GLY A 426 0.90 20.78 -37.30
N SER A 427 -0.08 19.99 -37.71
CA SER A 427 -1.38 19.95 -37.03
C SER A 427 -1.94 18.53 -37.11
N ILE A 428 -2.93 18.27 -36.25
CA ILE A 428 -3.60 16.97 -36.21
C ILE A 428 -4.59 16.81 -37.35
N ASN A 429 -4.93 17.90 -38.05
CA ASN A 429 -5.98 17.87 -39.07
C ASN A 429 -5.83 16.76 -40.11
N PRO A 430 -4.67 16.53 -40.72
CA PRO A 430 -4.60 15.43 -41.70
C PRO A 430 -5.01 14.07 -41.15
N LEU A 431 -4.66 13.79 -39.89
CA LEU A 431 -5.04 12.53 -39.28
C LEU A 431 -6.55 12.46 -39.08
N ILE A 432 -7.15 13.56 -38.61
CA ILE A 432 -8.61 13.61 -38.53
C ILE A 432 -9.23 13.29 -39.89
N GLU A 433 -8.70 13.89 -40.95
CA GLU A 433 -9.33 13.69 -42.26
C GLU A 433 -9.25 12.25 -42.72
N VAL A 434 -8.15 11.55 -42.48
CA VAL A 434 -8.07 10.16 -42.92
C VAL A 434 -8.91 9.24 -42.05
N ILE A 435 -9.13 9.58 -40.78
CA ILE A 435 -10.09 8.84 -39.96
C ILE A 435 -11.51 9.07 -40.45
N LYS A 436 -11.88 10.32 -40.72
CA LYS A 436 -13.23 10.59 -41.20
C LYS A 436 -13.51 9.83 -42.51
N ALA A 437 -12.53 9.82 -43.41
CA ALA A 437 -12.68 9.18 -44.70
C ALA A 437 -12.67 7.66 -44.62
N GLY A 438 -12.27 7.09 -43.48
CA GLY A 438 -12.27 5.66 -43.31
C GLY A 438 -11.01 4.95 -43.74
N LYS A 439 -9.95 5.67 -44.11
CA LYS A 439 -8.68 5.01 -44.41
C LYS A 439 -8.09 4.38 -43.15
N ILE A 440 -8.17 5.09 -42.02
CA ILE A 440 -7.89 4.52 -40.71
C ILE A 440 -9.22 4.44 -39.97
N LYS A 441 -9.63 3.24 -39.59
CA LYS A 441 -10.92 3.09 -38.91
C LYS A 441 -10.87 3.70 -37.50
N GLY A 442 -9.75 3.49 -36.81
CA GLY A 442 -9.57 4.02 -35.47
C GLY A 442 -8.15 3.76 -35.02
N ALA A 443 -7.89 4.00 -33.73
CA ALA A 443 -6.55 3.80 -33.18
C ALA A 443 -6.63 3.09 -31.83
N VAL A 444 -5.62 2.26 -31.54
CA VAL A 444 -5.52 1.50 -30.30
C VAL A 444 -4.23 1.88 -29.56
N GLY A 445 -4.37 2.12 -28.26
CA GLY A 445 -3.22 2.22 -27.36
C GLY A 445 -2.96 0.85 -26.76
N LEU A 446 -1.83 0.25 -27.10
CA LEU A 446 -1.45 -1.07 -26.60
C LEU A 446 -0.44 -0.79 -25.50
N ILE A 447 -0.82 -1.04 -24.26
CA ILE A 447 -0.04 -0.60 -23.13
C ILE A 447 -0.01 -1.84 -22.30
N ASN A 448 1.13 -2.53 -22.27
CA ASN A 448 1.07 -3.91 -21.84
C ASN A 448 2.36 -4.42 -21.23
N CYS A 449 2.23 -5.48 -20.40
CA CYS A 449 3.36 -6.29 -19.96
C CYS A 449 3.61 -7.47 -20.92
N THR A 450 4.26 -8.51 -20.38
CA THR A 450 4.23 -9.85 -20.95
C THR A 450 4.05 -10.82 -19.77
N THR A 451 3.57 -12.04 -20.08
CA THR A 451 3.30 -13.06 -19.08
C THR A 451 3.27 -14.41 -19.80
N LEU A 452 3.28 -15.49 -19.02
CA LEU A 452 3.07 -16.82 -19.57
C LEU A 452 1.65 -17.34 -19.36
N LYS A 453 0.81 -16.60 -18.63
CA LYS A 453 -0.47 -17.15 -18.20
C LYS A 453 -1.32 -17.57 -19.39
N ASN A 454 -1.42 -16.70 -20.41
CA ASN A 454 -2.34 -16.92 -21.53
C ASN A 454 -1.65 -17.26 -22.86
N GLY A 455 -0.35 -17.55 -22.85
CA GLY A 455 0.32 -18.04 -24.01
C GLY A 455 1.82 -18.02 -23.86
N PRO A 456 2.54 -18.58 -24.83
CA PRO A 456 3.99 -18.35 -24.90
C PRO A 456 4.26 -16.85 -24.89
N GLN A 457 5.43 -16.49 -24.37
CA GLN A 457 5.86 -15.09 -24.31
C GLN A 457 5.50 -14.34 -25.59
N ASP A 458 4.68 -13.29 -25.43
CA ASP A 458 4.33 -12.34 -26.48
C ASP A 458 3.44 -12.89 -27.59
N TYR A 459 2.95 -14.14 -27.48
CA TYR A 459 2.14 -14.71 -28.56
C TYR A 459 0.85 -13.91 -28.79
N VAL A 460 0.12 -13.61 -27.71
CA VAL A 460 -1.14 -12.90 -27.88
C VAL A 460 -0.89 -11.47 -28.38
N THR A 461 0.12 -10.82 -27.80
CA THR A 461 0.40 -9.42 -28.13
C THR A 461 0.72 -9.25 -29.61
N VAL A 462 1.64 -10.05 -30.11
CA VAL A 462 2.10 -9.89 -31.49
C VAL A 462 0.99 -10.23 -32.47
N ASN A 463 0.26 -11.32 -32.22
CA ASN A 463 -0.78 -11.69 -33.16
C ASN A 463 -1.99 -10.76 -33.10
N LEU A 464 -2.35 -10.26 -31.90
CA LEU A 464 -3.39 -9.22 -31.84
C LEU A 464 -2.99 -7.99 -32.64
N ALA A 465 -1.75 -7.54 -32.47
CA ALA A 465 -1.28 -6.39 -33.25
C ALA A 465 -1.42 -6.62 -34.74
N LYS A 466 -1.01 -7.80 -35.22
CA LYS A 466 -1.16 -8.10 -36.64
C LYS A 466 -2.63 -8.06 -37.08
N GLU A 467 -3.53 -8.60 -36.27
CA GLU A 467 -4.95 -8.56 -36.64
C GLU A 467 -5.49 -7.14 -36.66
N LEU A 468 -5.05 -6.30 -35.73
CA LEU A 468 -5.53 -4.92 -35.68
C LEU A 468 -5.08 -4.13 -36.91
N ILE A 469 -3.79 -4.22 -37.28
CA ILE A 469 -3.35 -3.39 -38.40
C ILE A 469 -3.96 -3.89 -39.72
N LYS A 470 -4.22 -5.19 -39.82
CA LYS A 470 -4.92 -5.74 -40.98
C LYS A 470 -6.30 -5.13 -41.14
N ARG A 471 -6.94 -4.77 -40.03
CA ARG A 471 -8.24 -4.13 -39.99
C ARG A 471 -8.17 -2.60 -40.10
N ASP A 472 -7.02 -2.05 -40.47
CA ASP A 472 -6.85 -0.61 -40.68
C ASP A 472 -6.97 0.17 -39.37
N ILE A 473 -6.43 -0.40 -38.30
CA ILE A 473 -6.39 0.23 -36.97
C ILE A 473 -4.93 0.55 -36.66
N LEU A 474 -4.63 1.84 -36.49
CA LEU A 474 -3.28 2.28 -36.13
C LEU A 474 -3.01 1.98 -34.67
N ILE A 475 -1.78 1.56 -34.34
CA ILE A 475 -1.41 1.25 -32.96
C ILE A 475 -0.37 2.24 -32.44
N LEU A 476 -0.59 2.75 -31.22
CA LEU A 476 0.41 3.44 -30.42
C LEU A 476 0.79 2.50 -29.27
N SER A 477 2.06 2.11 -29.16
CA SER A 477 2.45 1.07 -28.20
C SER A 477 3.42 1.56 -27.10
N GLY A 478 3.25 1.00 -25.89
CA GLY A 478 4.15 1.23 -24.75
C GLY A 478 4.26 0.01 -23.86
N GLY A 479 5.41 -0.15 -23.17
CA GLY A 479 5.62 -1.25 -22.21
C GLY A 479 6.36 -2.45 -22.78
N CYS A 480 6.43 -3.51 -21.96
CA CYS A 480 6.98 -4.78 -22.45
C CYS A 480 6.29 -5.23 -23.73
N GLY A 481 5.02 -4.84 -23.90
CA GLY A 481 4.34 -5.18 -25.14
C GLY A 481 4.90 -4.40 -26.32
N ASN A 482 5.33 -3.15 -26.08
CA ASN A 482 6.03 -2.40 -27.12
C ASN A 482 7.36 -3.06 -27.49
N HIS A 483 8.13 -3.53 -26.49
CA HIS A 483 9.37 -4.23 -26.80
C HIS A 483 9.11 -5.47 -27.67
N ALA A 484 8.00 -6.19 -27.40
CA ALA A 484 7.63 -7.37 -28.19
C ALA A 484 7.36 -7.04 -29.66
N LEU A 485 6.60 -5.97 -29.92
CA LEU A 485 6.28 -5.62 -31.30
C LEU A 485 7.54 -5.15 -32.05
N GLU A 486 8.44 -4.47 -31.34
CA GLU A 486 9.71 -4.04 -31.92
C GLU A 486 10.53 -5.25 -32.35
N VAL A 487 10.67 -6.24 -31.46
CA VAL A 487 11.44 -7.44 -31.78
C VAL A 487 10.79 -8.25 -32.90
N ALA A 488 9.46 -8.26 -32.96
CA ALA A 488 8.73 -8.99 -34.00
C ALA A 488 8.71 -8.29 -35.36
N GLY A 489 9.25 -7.08 -35.46
CA GLY A 489 9.36 -6.40 -36.75
C GLY A 489 8.15 -5.59 -37.16
N LEU A 490 7.26 -5.26 -36.23
CA LEU A 490 6.06 -4.51 -36.57
C LEU A 490 6.26 -3.00 -36.48
N CYS A 491 7.45 -2.54 -36.08
CA CYS A 491 7.72 -1.12 -35.86
C CYS A 491 8.70 -0.55 -36.87
N ASN A 492 8.82 -1.18 -38.05
CA ASN A 492 9.65 -0.66 -39.11
C ASN A 492 8.80 -0.50 -40.38
N LEU A 493 9.41 0.04 -41.44
CA LEU A 493 8.63 0.31 -42.65
C LEU A 493 8.26 -0.97 -43.41
N ASP A 494 9.03 -2.05 -43.27
CA ASP A 494 8.63 -3.31 -43.90
C ASP A 494 7.27 -3.78 -43.37
N ALA A 495 6.94 -3.42 -42.14
CA ALA A 495 5.68 -3.83 -41.55
C ALA A 495 4.48 -3.25 -42.27
N ILE A 496 4.66 -2.19 -43.07
CA ILE A 496 3.53 -1.62 -43.79
C ILE A 496 2.89 -2.69 -44.66
N ASN A 497 3.69 -3.63 -45.17
CA ASN A 497 3.20 -4.72 -45.98
C ASN A 497 2.14 -5.57 -45.27
N LEU A 498 2.10 -5.55 -43.93
CA LEU A 498 1.14 -6.35 -43.18
C LEU A 498 -0.13 -5.57 -42.81
N ALA A 499 -0.17 -4.27 -43.08
CA ALA A 499 -1.35 -3.47 -42.77
C ALA A 499 -2.40 -3.58 -43.86
N GLY A 500 -3.64 -3.18 -43.53
CA GLY A 500 -4.72 -3.18 -44.47
C GLY A 500 -4.61 -2.05 -45.48
N PRO A 501 -5.55 -2.00 -46.42
CA PRO A 501 -5.38 -1.08 -47.57
C PRO A 501 -5.36 0.38 -47.20
N GLY A 502 -6.19 0.79 -46.24
CA GLY A 502 -6.25 2.20 -45.87
C GLY A 502 -5.05 2.63 -45.03
N LEU A 503 -4.69 1.80 -44.04
CA LEU A 503 -3.57 2.13 -43.17
C LEU A 503 -2.24 2.05 -43.92
N SER A 504 -2.10 1.10 -44.84
CA SER A 504 -0.87 1.03 -45.63
CA SER A 504 -0.88 1.03 -45.63
C SER A 504 -0.69 2.28 -46.48
N GLU A 505 -1.77 2.80 -47.07
CA GLU A 505 -1.69 4.03 -47.85
C GLU A 505 -1.24 5.20 -46.98
N VAL A 506 -1.84 5.37 -45.80
CA VAL A 506 -1.46 6.48 -44.93
C VAL A 506 -0.01 6.33 -44.49
N CYS A 507 0.38 5.11 -44.08
CA CYS A 507 1.75 4.87 -43.61
C CYS A 507 2.78 5.18 -44.70
N ARG A 508 2.51 4.79 -45.93
CA ARG A 508 3.45 5.09 -47.00
CA ARG A 508 3.45 5.09 -47.00
C ARG A 508 3.52 6.60 -47.28
N ASN A 509 2.38 7.29 -47.23
CA ASN A 509 2.36 8.72 -47.49
C ASN A 509 3.11 9.50 -46.41
N LEU A 510 2.93 9.15 -45.13
CA LEU A 510 3.59 9.83 -44.03
C LEU A 510 4.97 9.26 -43.72
N ASN A 511 5.31 8.12 -44.31
CA ASN A 511 6.59 7.45 -44.05
C ASN A 511 6.77 7.02 -42.59
N ILE A 512 5.74 6.36 -42.05
CA ILE A 512 5.78 5.87 -40.67
C ILE A 512 5.32 4.42 -40.65
N PRO A 513 5.70 3.65 -39.64
CA PRO A 513 5.19 2.27 -39.51
C PRO A 513 3.76 2.23 -39.02
N PRO A 514 3.13 1.05 -39.10
CA PRO A 514 1.73 0.93 -38.65
C PRO A 514 1.60 0.77 -37.14
N VAL A 515 2.71 0.52 -36.45
CA VAL A 515 2.81 0.53 -35.00
C VAL A 515 3.83 1.57 -34.59
N LEU A 516 3.40 2.54 -33.80
CA LEU A 516 4.24 3.68 -33.39
C LEU A 516 4.72 3.47 -31.96
N SER A 517 6.04 3.33 -31.78
CA SER A 517 6.63 3.14 -30.44
C SER A 517 6.58 4.43 -29.60
N PHE A 518 5.67 4.48 -28.62
CA PHE A 518 5.53 5.61 -27.70
C PHE A 518 6.23 5.39 -26.37
N GLY A 519 6.92 4.25 -26.20
CA GLY A 519 7.78 4.06 -25.06
C GLY A 519 7.34 3.02 -24.05
N THR A 520 6.98 3.49 -22.86
CA THR A 520 6.79 2.66 -21.67
C THR A 520 5.35 2.71 -21.17
N THR A 522 4.69 3.90 -18.38
CA THR A 522 4.75 5.20 -17.77
C THR A 522 4.37 6.34 -18.73
N ASP A 523 4.33 6.02 -20.03
CA ASP A 523 3.91 6.97 -21.05
C ASP A 523 2.42 6.93 -21.35
N THR A 524 1.62 6.19 -20.56
CA THR A 524 0.15 6.25 -20.70
C THR A 524 -0.35 7.68 -20.62
N GLY A 525 0.18 8.47 -19.67
CA GLY A 525 -0.25 9.86 -19.58
C GLY A 525 0.07 10.62 -20.86
N ARG A 526 1.26 10.40 -21.39
CA ARG A 526 1.64 11.04 -22.64
C ARG A 526 0.72 10.62 -23.78
N ILE A 527 0.36 9.34 -23.87
CA ILE A 527 -0.57 8.91 -24.91
C ILE A 527 -1.94 9.58 -24.73
N SER A 528 -2.36 9.82 -23.49
CA SER A 528 -3.61 10.54 -23.30
C SER A 528 -3.56 11.94 -23.90
N LEU A 529 -2.37 12.52 -24.05
CA LEU A 529 -2.29 13.85 -24.65
C LEU A 529 -2.73 13.80 -26.11
N VAL A 530 -2.38 12.71 -26.82
CA VAL A 530 -2.81 12.51 -28.19
C VAL A 530 -4.32 12.28 -28.27
N VAL A 531 -4.84 11.44 -27.37
CA VAL A 531 -6.27 11.15 -27.40
C VAL A 531 -7.07 12.42 -27.08
N THR A 532 -6.59 13.21 -26.11
CA THR A 532 -7.25 14.47 -25.80
C THR A 532 -7.24 15.42 -27.01
N ALA A 533 -6.15 15.43 -27.77
CA ALA A 533 -6.06 16.27 -28.96
C ALA A 533 -7.05 15.85 -30.03
N LEU A 534 -7.24 14.53 -30.19
CA LEU A 534 -8.23 14.05 -31.15
C LEU A 534 -9.64 14.47 -30.75
N ALA A 535 -9.99 14.29 -29.46
CA ALA A 535 -11.32 14.67 -29.00
C ALA A 535 -11.57 16.16 -29.18
N ASN A 536 -10.54 16.99 -28.94
CA ASN A 536 -10.71 18.44 -29.09
C ASN A 536 -10.95 18.81 -30.55
N ALA A 537 -10.18 18.22 -31.46
CA ALA A 537 -10.36 18.52 -32.88
C ALA A 537 -11.75 18.14 -33.37
N LEU A 538 -12.34 17.10 -32.81
CA LEU A 538 -13.65 16.66 -33.22
C LEU A 538 -14.77 17.23 -32.36
N ASN A 539 -14.46 18.04 -31.34
CA ASN A 539 -15.47 18.68 -30.51
C ASN A 539 -16.35 17.64 -29.78
N VAL A 540 -15.75 16.53 -29.34
CA VAL A 540 -16.47 15.47 -28.64
C VAL A 540 -15.70 15.09 -27.38
N ASP A 541 -16.31 14.20 -26.58
CA ASP A 541 -15.69 13.60 -25.39
C ASP A 541 -14.79 12.43 -25.81
N THR A 542 -13.86 12.08 -24.94
CA THR A 542 -12.97 10.96 -25.23
C THR A 542 -13.73 9.66 -25.40
N ALA A 543 -14.84 9.47 -24.65
CA ALA A 543 -15.64 8.27 -24.75
C ALA A 543 -16.36 8.14 -26.08
N ASP A 544 -16.39 9.21 -26.89
CA ASP A 544 -17.03 9.22 -28.19
C ASP A 544 -16.10 8.83 -29.33
N LEU A 545 -14.80 8.70 -29.08
CA LEU A 545 -13.82 8.53 -30.14
C LEU A 545 -13.73 7.08 -30.60
N PRO A 546 -13.34 6.87 -31.87
CA PRO A 546 -13.08 5.50 -32.39
C PRO A 546 -11.68 5.03 -31.98
N VAL A 547 -11.52 4.77 -30.69
CA VAL A 547 -10.27 4.29 -30.12
C VAL A 547 -10.58 3.17 -29.11
N ALA A 548 -9.52 2.48 -28.67
CA ALA A 548 -9.62 1.51 -27.58
C ALA A 548 -8.22 1.33 -26.99
N VAL A 549 -8.15 0.70 -25.81
CA VAL A 549 -6.90 0.32 -25.17
C VAL A 549 -6.89 -1.20 -25.01
N THR A 550 -5.70 -1.80 -25.10
CA THR A 550 -5.53 -3.21 -24.82
C THR A 550 -4.25 -3.44 -24.02
N ALA A 551 -4.37 -4.27 -22.96
CA ALA A 551 -3.23 -4.84 -22.22
C ALA A 551 -3.40 -6.35 -22.34
N PRO A 552 -2.92 -6.95 -23.44
CA PRO A 552 -3.34 -8.32 -23.78
C PRO A 552 -2.52 -9.46 -23.19
N MET A 553 -1.39 -9.14 -22.51
CA MET A 553 -0.61 -10.10 -21.75
C MET A 553 -0.14 -9.39 -20.47
N TYR A 554 -1.11 -8.86 -19.69
CA TYR A 554 -0.78 -8.12 -18.49
C TYR A 554 -0.17 -9.06 -17.46
N MET A 555 0.75 -8.53 -16.65
CA MET A 555 1.32 -9.30 -15.57
CA MET A 555 1.39 -9.27 -15.58
C MET A 555 1.08 -8.67 -14.20
N GLU A 556 1.33 -7.39 -14.01
CA GLU A 556 1.14 -6.84 -12.67
C GLU A 556 0.53 -5.44 -12.75
N GLN A 557 0.63 -4.70 -11.66
CA GLN A 557 -0.23 -3.53 -11.48
C GLN A 557 0.35 -2.22 -12.02
N LYS A 558 1.53 -2.26 -12.65
CA LYS A 558 1.87 -1.14 -13.52
C LYS A 558 0.91 -1.08 -14.69
N ALA A 559 0.52 -2.23 -15.23
CA ALA A 559 -0.45 -2.27 -16.34
C ALA A 559 -1.87 -2.06 -15.85
N THR A 560 -2.24 -2.67 -14.71
CA THR A 560 -3.63 -2.53 -14.27
C THR A 560 -3.94 -1.11 -13.83
N ILE A 561 -2.98 -0.35 -13.27
CA ILE A 561 -3.29 1.02 -12.92
C ILE A 561 -3.53 1.84 -14.20
N ASP A 562 -2.84 1.50 -15.29
CA ASP A 562 -3.08 2.17 -16.57
C ASP A 562 -4.45 1.79 -17.13
N ALA A 563 -4.88 0.53 -16.92
CA ALA A 563 -6.22 0.09 -17.32
C ALA A 563 -7.32 0.81 -16.51
N LEU A 564 -7.12 0.97 -15.18
CA LEU A 564 -8.07 1.74 -14.37
C LEU A 564 -8.15 3.17 -14.84
N PHE A 565 -7.01 3.79 -15.17
CA PHE A 565 -7.03 5.12 -15.77
C PHE A 565 -7.87 5.12 -17.05
N ALA A 566 -7.63 4.15 -17.94
CA ALA A 566 -8.34 4.14 -19.21
C ALA A 566 -9.86 4.03 -19.02
N LEU A 567 -10.29 3.24 -18.03
CA LEU A 567 -11.71 3.15 -17.70
C LEU A 567 -12.25 4.52 -17.23
N ALA A 568 -11.51 5.20 -16.34
CA ALA A 568 -11.92 6.52 -15.86
C ALA A 568 -11.96 7.52 -17.00
N TYR A 569 -11.10 7.34 -17.98
CA TYR A 569 -10.99 8.23 -19.13
C TYR A 569 -12.03 7.88 -20.22
N GLY A 570 -12.89 6.89 -19.97
CA GLY A 570 -14.04 6.66 -20.82
C GLY A 570 -13.85 5.66 -21.94
N LEU A 571 -12.80 4.84 -21.88
CA LEU A 571 -12.40 4.00 -23.01
C LEU A 571 -12.75 2.53 -22.84
N TYR A 572 -13.06 1.90 -23.96
CA TYR A 572 -13.07 0.45 -24.06
C TYR A 572 -11.65 -0.06 -23.79
N THR A 573 -11.51 -0.94 -22.79
CA THR A 573 -10.21 -1.34 -22.24
C THR A 573 -10.20 -2.86 -22.17
N HIS A 574 -9.52 -3.49 -23.12
CA HIS A 574 -9.34 -4.94 -23.15
C HIS A 574 -8.17 -5.35 -22.26
N VAL A 575 -8.37 -6.37 -21.43
CA VAL A 575 -7.34 -6.89 -20.52
C VAL A 575 -7.34 -8.40 -20.59
N ALA A 576 -6.18 -8.99 -20.87
CA ALA A 576 -5.98 -10.42 -20.78
C ALA A 576 -4.59 -10.69 -20.22
N PRO A 577 -4.42 -11.79 -19.45
CA PRO A 577 -5.46 -12.72 -19.00
C PRO A 577 -6.48 -12.06 -18.07
N ASP A 578 -7.50 -12.80 -17.68
CA ASP A 578 -8.48 -12.26 -16.76
C ASP A 578 -7.79 -11.84 -15.46
N PRO A 579 -8.00 -10.63 -14.96
CA PRO A 579 -7.65 -10.38 -13.56
C PRO A 579 -8.47 -11.27 -12.65
N PRO A 580 -8.05 -11.46 -11.38
CA PRO A 580 -8.79 -12.39 -10.48
C PRO A 580 -10.08 -11.77 -9.95
N VAL A 581 -11.10 -11.84 -10.80
CA VAL A 581 -12.40 -11.21 -10.55
C VAL A 581 -13.60 -12.07 -10.90
N MET A 582 -13.38 -13.16 -11.63
CA MET A 582 -14.52 -13.80 -12.29
C MET A 582 -15.43 -14.59 -11.36
N GLY A 583 -15.05 -14.78 -10.11
CA GLY A 583 -15.94 -15.33 -9.11
C GLY A 583 -16.86 -14.33 -8.47
N ALA A 584 -16.80 -13.06 -8.89
CA ALA A 584 -17.56 -11.96 -8.31
C ALA A 584 -18.53 -11.41 -9.32
N PRO A 585 -19.75 -11.98 -9.42
CA PRO A 585 -20.63 -11.64 -10.56
C PRO A 585 -21.10 -10.19 -10.62
N ASN A 586 -21.35 -9.53 -9.50
CA ASN A 586 -21.79 -8.14 -9.58
C ASN A 586 -20.64 -7.21 -9.92
N LEU A 587 -19.43 -7.52 -9.45
CA LEU A 587 -18.26 -6.77 -9.87
C LEU A 587 -18.01 -6.94 -11.37
N VAL A 588 -18.18 -8.17 -11.88
CA VAL A 588 -18.01 -8.39 -13.32
C VAL A 588 -19.02 -7.56 -14.11
N LYS A 589 -20.28 -7.55 -13.66
CA LYS A 589 -21.31 -6.76 -14.31
C LYS A 589 -20.96 -5.27 -14.31
N LEU A 590 -20.52 -4.76 -13.16
CA LEU A 590 -20.12 -3.35 -13.07
C LEU A 590 -19.06 -3.01 -14.12
N LEU A 591 -17.98 -3.82 -14.17
CA LEU A 591 -16.83 -3.46 -15.00
C LEU A 591 -17.10 -3.64 -16.49
N THR A 592 -17.88 -4.66 -16.85
CA THR A 592 -18.09 -5.04 -18.25
C THR A 592 -19.37 -4.50 -18.87
N ARG A 593 -20.41 -4.24 -18.07
CA ARG A 593 -21.71 -3.83 -18.60
C ARG A 593 -22.21 -2.48 -18.11
N ASP A 594 -21.97 -2.12 -16.85
CA ASP A 594 -22.56 -0.89 -16.32
C ASP A 594 -21.66 0.34 -16.45
N LEU A 595 -20.34 0.18 -16.52
CA LEU A 595 -19.47 1.34 -16.60
C LEU A 595 -19.74 2.26 -17.80
N PRO A 596 -20.23 1.80 -18.95
CA PRO A 596 -20.52 2.76 -20.02
C PRO A 596 -21.49 3.88 -19.62
N SER A 597 -22.41 3.61 -18.71
CA SER A 597 -23.36 4.61 -18.22
C SER A 597 -22.80 5.41 -17.04
N ILE A 598 -21.59 5.10 -16.58
CA ILE A 598 -20.94 5.74 -15.44
C ILE A 598 -19.76 6.57 -15.92
N THR A 599 -18.71 5.94 -16.44
CA THR A 599 -17.58 6.70 -16.97
C THR A 599 -17.56 6.77 -18.50
N GLY A 600 -18.32 5.92 -19.17
CA GLY A 600 -18.21 5.75 -20.61
C GLY A 600 -17.39 4.54 -21.04
N GLY A 601 -16.47 4.05 -20.19
CA GLY A 601 -15.60 2.95 -20.54
C GLY A 601 -16.18 1.59 -20.17
N ARG A 602 -15.41 0.54 -20.47
CA ARG A 602 -15.78 -0.82 -20.11
CA ARG A 602 -15.77 -0.81 -20.06
C ARG A 602 -14.56 -1.72 -20.21
N ILE A 603 -14.55 -2.79 -19.41
CA ILE A 603 -13.56 -3.86 -19.55
C ILE A 603 -14.06 -4.86 -20.58
N ALA A 604 -13.15 -5.29 -21.46
CA ALA A 604 -13.35 -6.40 -22.37
C ALA A 604 -12.30 -7.47 -22.07
N VAL A 605 -12.60 -8.72 -22.44
CA VAL A 605 -11.78 -9.87 -22.05
C VAL A 605 -11.56 -10.80 -23.23
N GLY A 606 -10.62 -11.74 -23.04
CA GLY A 606 -10.34 -12.80 -23.98
C GLY A 606 -8.92 -12.82 -24.53
N SER A 607 -8.45 -13.99 -24.96
CA SER A 607 -7.10 -14.14 -25.47
C SER A 607 -7.02 -14.64 -26.92
N ASP A 608 -8.15 -14.81 -27.62
CA ASP A 608 -8.06 -15.18 -29.04
C ASP A 608 -7.81 -13.93 -29.89
N PRO A 609 -6.66 -13.84 -30.58
CA PRO A 609 -6.34 -12.60 -31.31
C PRO A 609 -7.40 -12.14 -32.29
N VAL A 610 -7.97 -13.05 -33.09
CA VAL A 610 -8.97 -12.66 -34.06
C VAL A 610 -10.22 -12.12 -33.36
N LYS A 611 -10.74 -12.86 -32.38
CA LYS A 611 -11.94 -12.42 -31.68
CA LYS A 611 -11.95 -12.41 -31.69
C LYS A 611 -11.72 -11.09 -30.97
N VAL A 612 -10.58 -10.94 -30.28
CA VAL A 612 -10.31 -9.69 -29.57
C VAL A 612 -10.24 -8.52 -30.55
N ALA A 613 -9.60 -8.73 -31.70
CA ALA A 613 -9.52 -7.69 -32.73
C ALA A 613 -10.89 -7.37 -33.30
N ASP A 614 -11.71 -8.39 -33.56
CA ASP A 614 -13.04 -8.13 -34.10
C ASP A 614 -13.91 -7.39 -33.09
N ASP A 615 -13.77 -7.70 -31.80
CA ASP A 615 -14.55 -7.00 -30.78
C ASP A 615 -14.09 -5.53 -30.66
N ILE A 616 -12.79 -5.28 -30.80
CA ILE A 616 -12.30 -3.91 -30.81
C ILE A 616 -12.81 -3.16 -32.03
N LEU A 617 -12.72 -3.78 -33.22
CA LEU A 617 -13.23 -3.14 -34.43
C LEU A 617 -14.72 -2.84 -34.33
N ALA A 618 -15.50 -3.72 -33.69
CA ALA A 618 -16.93 -3.47 -33.55
C ALA A 618 -17.20 -2.26 -32.66
N HIS A 619 -16.43 -2.10 -31.58
CA HIS A 619 -16.56 -0.89 -30.76
C HIS A 619 -16.20 0.35 -31.58
N ILE A 620 -15.08 0.29 -32.31
CA ILE A 620 -14.68 1.41 -33.17
C ILE A 620 -15.79 1.76 -34.16
N ASN A 621 -16.41 0.75 -34.79
CA ASN A 621 -17.45 1.04 -35.77
C ASN A 621 -18.71 1.60 -35.13
N ASP A 622 -19.02 1.20 -33.90
CA ASP A 622 -20.13 1.80 -33.15
C ASP A 622 -19.87 3.29 -32.89
N ARG A 623 -18.65 3.63 -32.48
CA ARG A 623 -18.29 5.02 -32.26
C ARG A 623 -18.37 5.81 -33.56
N ARG A 624 -17.88 5.23 -34.65
CA ARG A 624 -17.93 5.90 -35.95
C ARG A 624 -19.38 6.16 -36.36
N ALA A 625 -20.26 5.17 -36.23
CA ALA A 625 -21.65 5.35 -36.62
C ALA A 625 -22.29 6.51 -35.87
N LYS A 626 -22.03 6.61 -34.56
CA LYS A 626 -22.62 7.68 -33.77
C LYS A 626 -22.05 9.04 -34.18
N LEU A 627 -20.82 9.07 -34.68
CA LEU A 627 -20.22 10.29 -35.21
C LEU A 627 -20.68 10.58 -36.65
N GLY A 628 -21.34 9.65 -37.31
CA GLY A 628 -21.73 9.86 -38.70
C GLY A 628 -20.61 9.70 -39.71
N ILE A 629 -19.55 8.98 -39.38
CA ILE A 629 -18.44 8.76 -40.30
C ILE A 629 -18.30 7.28 -40.64
N MET B 1 -24.85 -25.18 20.72
CA MET B 1 -23.91 -25.06 19.62
C MET B 1 -22.48 -25.32 20.09
N ALA B 2 -21.65 -25.86 19.20
CA ALA B 2 -20.20 -25.90 19.38
C ALA B 2 -19.53 -24.68 18.75
N THR B 3 -20.31 -23.65 18.43
CA THR B 3 -19.76 -22.45 17.84
C THR B 3 -19.01 -21.68 18.94
N LYS B 4 -17.74 -21.31 18.69
CA LYS B 4 -17.02 -20.39 19.56
C LYS B 4 -17.79 -19.09 19.63
N THR B 5 -18.14 -18.65 20.84
CA THR B 5 -18.82 -17.38 21.03
C THR B 5 -17.91 -16.46 21.83
N SER B 6 -18.11 -16.35 23.15
CA SER B 6 -17.46 -15.32 23.95
C SER B 6 -17.25 -15.79 25.38
N ILE B 7 -16.30 -15.14 26.08
CA ILE B 7 -16.19 -15.29 27.54
C ILE B 7 -17.11 -14.36 28.32
N HIS B 8 -17.79 -13.42 27.65
CA HIS B 8 -18.63 -12.43 28.31
C HIS B 8 -20.09 -12.87 28.27
N PRO B 9 -20.75 -13.01 29.43
CA PRO B 9 -22.16 -13.45 29.41
C PRO B 9 -23.07 -12.55 28.61
N SER B 10 -22.84 -11.23 28.62
CA SER B 10 -23.72 -10.32 27.88
C SER B 10 -23.70 -10.61 26.38
N VAL B 11 -22.50 -10.87 25.83
CA VAL B 11 -22.37 -11.20 24.42
C VAL B 11 -23.01 -12.55 24.11
N ASN B 12 -22.82 -13.54 24.99
CA ASN B 12 -23.44 -14.84 24.76
C ASN B 12 -24.97 -14.71 24.75
N GLU B 13 -25.53 -13.87 25.62
CA GLU B 13 -26.98 -13.69 25.66
C GLU B 13 -27.51 -13.09 24.35
N LEU B 14 -26.79 -12.10 23.83
CA LEU B 14 -27.20 -11.44 22.60
C LEU B 14 -26.94 -12.29 21.37
N TYR B 15 -25.87 -13.10 21.38
CA TYR B 15 -25.69 -14.09 20.31
C TYR B 15 -26.91 -15.00 20.20
N GLN B 16 -27.52 -15.37 21.32
CA GLN B 16 -28.69 -16.23 21.23
C GLN B 16 -29.83 -15.57 20.46
N ARG B 17 -30.00 -14.25 20.60
CA ARG B 17 -31.01 -13.55 19.85
C ARG B 17 -30.69 -13.55 18.34
N LEU B 18 -29.44 -13.25 17.99
CA LEU B 18 -29.01 -13.32 16.59
C LEU B 18 -29.31 -14.69 15.99
N ALA B 19 -28.97 -15.75 16.71
CA ALA B 19 -29.20 -17.10 16.22
C ALA B 19 -30.69 -17.41 16.09
N GLU B 20 -31.50 -17.03 17.09
CA GLU B 20 -32.93 -17.29 17.03
C GLU B 20 -33.60 -16.50 15.91
N ASP B 21 -33.09 -15.30 15.63
CA ASP B 21 -33.57 -14.50 14.50
C ASP B 21 -32.98 -14.96 13.17
N GLN B 22 -32.07 -15.92 13.19
CA GLN B 22 -31.46 -16.48 11.99
C GLN B 22 -30.77 -15.40 11.15
N LEU B 23 -30.04 -14.51 11.84
CA LEU B 23 -29.24 -13.47 11.20
C LEU B 23 -27.78 -13.91 11.17
N SER B 24 -27.13 -13.65 10.05
CA SER B 24 -25.72 -13.95 9.92
C SER B 24 -24.93 -13.11 10.92
N ASN B 25 -23.83 -13.66 11.40
CA ASN B 25 -23.00 -13.01 12.42
C ASN B 25 -21.62 -13.66 12.41
N CYS B 26 -20.63 -12.98 12.96
CA CYS B 26 -19.25 -13.47 12.87
C CYS B 26 -19.09 -14.83 13.52
N PHE B 27 -19.75 -15.04 14.66
CA PHE B 27 -19.59 -16.31 15.37
C PHE B 27 -20.01 -17.49 14.50
N ASP B 28 -21.21 -17.41 13.90
CA ASP B 28 -21.69 -18.48 13.02
C ASP B 28 -20.88 -18.58 11.73
N ARG B 29 -20.42 -17.45 11.17
CA ARG B 29 -19.69 -17.51 9.89
C ARG B 29 -18.33 -18.16 10.02
N PHE B 30 -17.78 -18.24 11.23
CA PHE B 30 -16.49 -18.90 11.44
C PHE B 30 -16.57 -20.37 11.05
N ASP B 31 -17.72 -21.03 11.33
CA ASP B 31 -17.80 -22.48 11.18
C ASP B 31 -17.69 -22.92 9.72
N PRO B 32 -18.41 -22.34 8.77
CA PRO B 32 -18.22 -22.78 7.38
C PRO B 32 -16.81 -22.57 6.87
N GLN B 33 -16.16 -21.47 7.26
CA GLN B 33 -14.77 -21.26 6.86
C GLN B 33 -13.86 -22.36 7.40
N GLU B 34 -14.13 -22.84 8.61
CA GLU B 34 -13.36 -23.92 9.23
C GLU B 34 -13.41 -25.20 8.43
N LYS B 35 -14.49 -25.42 7.69
CA LYS B 35 -14.59 -26.65 6.91
C LYS B 35 -13.60 -26.68 5.76
N ILE B 36 -13.20 -25.51 5.26
CA ILE B 36 -12.49 -25.45 3.98
C ILE B 36 -11.20 -24.64 4.06
N ARG B 37 -10.58 -24.57 5.25
CA ARG B 37 -9.38 -23.75 5.40
C ARG B 37 -8.25 -24.20 4.49
N CYS B 38 -7.63 -23.22 3.84
CA CYS B 38 -6.46 -23.45 2.99
C CYS B 38 -5.16 -23.53 3.80
N ASN B 39 -4.49 -24.68 3.77
CA ASN B 39 -3.23 -24.83 4.49
C ASN B 39 -2.10 -23.97 3.90
N TYR B 40 -2.07 -23.77 2.58
CA TYR B 40 -1.04 -22.92 1.99
C TYR B 40 -1.13 -21.50 2.52
N CYS B 41 -2.33 -20.92 2.50
CA CYS B 41 -2.54 -19.57 3.00
C CYS B 41 -2.28 -19.50 4.51
N GLU B 42 -2.69 -20.52 5.27
CA GLU B 42 -2.45 -20.50 6.70
C GLU B 42 -0.96 -20.40 7.03
N LEU B 43 -0.11 -20.99 6.18
CA LEU B 43 1.33 -21.04 6.39
C LEU B 43 2.09 -19.92 5.70
N GLY B 44 1.41 -19.08 4.93
CA GLY B 44 2.08 -18.00 4.23
C GLY B 44 2.74 -18.39 2.92
N VAL B 45 2.42 -19.56 2.35
CA VAL B 45 3.14 -20.03 1.17
C VAL B 45 2.23 -20.14 -0.05
N SER B 46 1.30 -19.20 -0.17
CA SER B 46 0.59 -18.92 -1.42
C SER B 46 0.85 -17.48 -1.83
N CYS B 47 0.63 -17.17 -3.11
CA CYS B 47 0.83 -15.83 -3.63
C CYS B 47 -0.15 -15.52 -4.77
N GLN B 48 -0.71 -14.31 -4.75
CA GLN B 48 -1.68 -13.84 -5.73
C GLN B 48 -1.29 -12.49 -6.34
N LEU B 49 0.01 -12.18 -6.37
CA LEU B 49 0.42 -10.83 -6.72
C LEU B 49 0.60 -10.56 -8.22
N CYS B 50 0.59 -11.57 -9.09
CA CYS B 50 0.68 -11.32 -10.52
C CYS B 50 -0.05 -12.39 -11.33
N SER B 51 -0.18 -12.13 -12.65
CA SER B 51 -0.99 -13.00 -13.51
C SER B 51 -0.36 -14.35 -13.81
N ASN B 52 0.96 -14.54 -13.59
CA ASN B 52 1.55 -15.86 -13.73
C ASN B 52 1.12 -16.81 -12.62
N GLY B 53 0.59 -16.26 -11.54
CA GLY B 53 0.00 -17.03 -10.46
C GLY B 53 -1.42 -17.45 -10.75
N PRO B 54 -2.18 -17.78 -9.72
CA PRO B 54 -1.77 -17.80 -8.31
C PRO B 54 -0.74 -18.94 -8.09
N CYS B 55 0.22 -18.75 -7.19
CA CYS B 55 1.27 -19.71 -6.94
C CYS B 55 1.20 -20.26 -5.52
N ARG B 56 1.81 -21.44 -5.35
CA ARG B 56 1.91 -22.16 -4.08
C ARG B 56 3.26 -22.83 -3.98
N ILE B 57 3.82 -22.93 -2.77
CA ILE B 57 5.03 -23.72 -2.56
C ILE B 57 4.64 -25.12 -2.11
N ASN B 58 5.05 -26.12 -2.89
CA ASN B 58 4.87 -27.53 -2.57
C ASN B 58 6.06 -28.28 -3.19
N GLU B 59 7.08 -28.52 -2.38
CA GLU B 59 8.30 -29.12 -2.91
C GLU B 59 8.08 -30.56 -3.35
N LYS B 60 7.09 -31.26 -2.80
CA LYS B 60 6.87 -32.66 -3.14
C LYS B 60 6.49 -32.83 -4.61
N VAL B 61 5.85 -31.83 -5.20
CA VAL B 61 5.43 -31.89 -6.59
C VAL B 61 6.29 -30.98 -7.48
N GLY B 62 7.44 -30.56 -6.98
CA GLY B 62 8.38 -29.79 -7.79
C GLY B 62 8.14 -28.29 -7.79
N ALA B 63 7.17 -27.78 -7.01
CA ALA B 63 6.85 -26.36 -6.96
C ALA B 63 7.61 -25.70 -5.81
N THR B 64 8.93 -25.62 -5.99
CA THR B 64 9.83 -25.09 -4.97
C THR B 64 9.83 -23.57 -4.96
N LEU B 65 9.63 -22.94 -6.12
CA LEU B 65 9.62 -21.49 -6.27
C LEU B 65 8.37 -21.04 -7.03
N GLY B 66 7.96 -19.79 -6.84
CA GLY B 66 6.93 -19.19 -7.69
C GLY B 66 7.40 -19.10 -9.14
N VAL B 67 6.47 -18.81 -10.05
CA VAL B 67 6.87 -18.73 -11.46
C VAL B 67 8.02 -17.74 -11.63
N CYS B 68 7.93 -16.58 -10.94
CA CYS B 68 8.93 -15.52 -11.04
C CYS B 68 10.28 -15.92 -10.45
N GLY B 69 10.33 -16.95 -9.62
CA GLY B 69 11.55 -17.40 -8.97
C GLY B 69 11.63 -17.13 -7.46
N ILE B 70 10.61 -16.53 -6.86
CA ILE B 70 10.69 -16.22 -5.43
C ILE B 70 10.55 -17.50 -4.60
N ASN B 71 11.27 -17.53 -3.47
CA ASN B 71 11.22 -18.65 -2.53
C ASN B 71 10.17 -18.42 -1.41
N ALA B 72 9.92 -19.46 -0.61
CA ALA B 72 8.87 -19.41 0.40
C ALA B 72 9.10 -18.28 1.40
N ASP B 73 10.35 -18.06 1.81
CA ASP B 73 10.66 -17.03 2.80
C ASP B 73 10.35 -15.64 2.26
N GLY B 74 10.78 -15.35 1.04
CA GLY B 74 10.45 -14.08 0.43
C GLY B 74 8.95 -13.90 0.22
N MET B 75 8.29 -14.98 -0.21
CA MET B 75 6.86 -14.91 -0.45
C MET B 75 6.11 -14.52 0.82
N ALA B 76 6.38 -15.23 1.92
CA ALA B 76 5.69 -14.98 3.19
C ALA B 76 5.99 -13.57 3.73
N MET B 77 7.27 -13.17 3.75
CA MET B 77 7.59 -11.85 4.29
C MET B 77 7.04 -10.72 3.44
N ARG B 78 7.00 -10.91 2.11
CA ARG B 78 6.49 -9.87 1.23
C ARG B 78 5.01 -9.60 1.49
N TYR B 79 4.20 -10.66 1.62
CA TYR B 79 2.78 -10.42 1.85
C TYR B 79 2.56 -9.81 3.24
N MET B 80 3.36 -10.21 4.24
CA MET B 80 3.31 -9.53 5.54
C MET B 80 3.62 -8.04 5.40
N LEU B 81 4.68 -7.70 4.65
CA LEU B 81 4.99 -6.28 4.47
C LEU B 81 3.84 -5.53 3.79
N LEU B 82 3.27 -6.10 2.71
CA LEU B 82 2.18 -5.43 2.00
C LEU B 82 1.00 -5.19 2.94
N ARG B 83 0.61 -6.20 3.71
CA ARG B 83 -0.53 -5.97 4.61
C ARG B 83 -0.21 -4.90 5.64
N ASN B 84 1.05 -4.83 6.10
CA ASN B 84 1.45 -3.80 7.05
C ASN B 84 1.50 -2.39 6.46
N VAL B 85 1.56 -2.26 5.14
CA VAL B 85 1.30 -0.96 4.52
C VAL B 85 -0.10 -0.47 4.86
N MET B 86 -1.09 -1.39 4.91
CA MET B 86 -2.44 -0.97 5.29
C MET B 86 -2.47 -0.45 6.72
N GLY B 87 -1.84 -1.18 7.64
CA GLY B 87 -1.78 -0.73 9.03
C GLY B 87 -1.14 0.64 9.17
N THR B 88 0.03 0.84 8.54
CA THR B 88 0.71 2.12 8.63
C THR B 88 -0.14 3.22 8.01
N SER B 89 -0.82 2.92 6.88
CA SER B 89 -1.66 3.92 6.23
C SER B 89 -2.78 4.40 7.15
N THR B 90 -3.40 3.49 7.94
CA THR B 90 -4.47 3.92 8.84
C THR B 90 -3.96 4.90 9.91
N TYR B 91 -2.80 4.61 10.51
CA TYR B 91 -2.24 5.53 11.50
C TYR B 91 -1.85 6.87 10.86
N THR B 92 -1.30 6.83 9.64
CA THR B 92 -0.92 8.05 8.92
C THR B 92 -2.15 8.88 8.59
N TYR B 93 -3.22 8.22 8.14
CA TYR B 93 -4.49 8.89 7.85
C TYR B 93 -4.98 9.63 9.10
N HIS B 94 -5.02 8.92 10.23
CA HIS B 94 -5.51 9.47 11.48
C HIS B 94 -4.64 10.66 11.93
N ALA B 95 -3.31 10.53 11.83
CA ALA B 95 -2.44 11.62 12.27
C ALA B 95 -2.69 12.86 11.44
N TYR B 96 -2.76 12.71 10.11
CA TYR B 96 -2.99 13.85 9.25
C TYR B 96 -4.27 14.59 9.64
N GLU B 97 -5.35 13.84 9.87
CA GLU B 97 -6.61 14.47 10.27
C GLU B 97 -6.52 15.13 11.62
N ALA B 98 -5.77 14.55 12.56
CA ALA B 98 -5.56 15.21 13.85
C ALA B 98 -4.88 16.56 13.68
N TYR B 99 -3.86 16.63 12.82
CA TYR B 99 -3.10 17.85 12.63
C TYR B 99 -3.94 18.91 11.93
N LYS B 100 -4.69 18.53 10.89
CA LYS B 100 -5.61 19.48 10.28
C LYS B 100 -6.68 19.93 11.26
N THR B 101 -7.13 19.04 12.16
CA THR B 101 -8.15 19.43 13.15
C THR B 101 -7.59 20.43 14.16
N LEU B 102 -6.32 20.25 14.59
CA LEU B 102 -5.74 21.24 15.49
C LEU B 102 -5.57 22.59 14.80
N LYS B 103 -5.09 22.58 13.56
CA LYS B 103 -4.92 23.83 12.82
C LYS B 103 -6.25 24.56 12.67
N MET B 104 -7.28 23.85 12.21
CA MET B 104 -8.58 24.50 12.02
C MET B 104 -9.20 24.94 13.35
N THR B 105 -8.94 24.21 14.43
CA THR B 105 -9.41 24.63 15.74
C THR B 105 -8.76 25.95 16.14
N ALA B 106 -7.44 26.05 15.96
CA ALA B 106 -6.70 27.26 16.28
C ALA B 106 -7.18 28.45 15.47
N LEU B 107 -7.63 28.21 14.25
CA LEU B 107 -8.18 29.27 13.40
C LEU B 107 -9.62 29.61 13.74
N GLY B 108 -10.26 28.88 14.64
CA GLY B 108 -11.58 29.24 15.14
C GLY B 108 -12.75 28.58 14.43
N ASN B 109 -12.50 27.54 13.65
CA ASN B 109 -13.51 26.99 12.74
C ASN B 109 -14.03 25.61 13.14
N THR B 110 -13.87 25.22 14.39
CA THR B 110 -14.43 23.97 14.90
C THR B 110 -15.12 24.23 16.22
N PRO B 111 -15.90 23.28 16.73
CA PRO B 111 -16.44 23.39 18.09
C PRO B 111 -15.45 23.04 19.20
N PHE B 112 -14.20 22.76 18.84
CA PHE B 112 -13.16 22.37 19.78
C PHE B 112 -12.36 23.59 20.24
N THR B 113 -11.49 23.35 21.23
CA THR B 113 -10.64 24.40 21.78
C THR B 113 -9.26 23.81 22.06
N ILE B 114 -8.33 24.65 22.52
CA ILE B 114 -7.02 24.21 22.97
C ILE B 114 -7.12 23.98 24.48
N THR B 115 -7.21 22.71 24.89
CA THR B 115 -7.45 22.37 26.30
C THR B 115 -6.16 22.29 27.11
N ASP B 116 -5.15 21.54 26.65
CA ASP B 116 -3.90 21.37 27.39
C ASP B 116 -2.84 22.29 26.79
N LYS B 117 -2.89 23.56 27.21
CA LYS B 117 -1.91 24.54 26.75
C LYS B 117 -0.51 24.26 27.30
N ASP B 118 -0.41 23.68 28.50
CA ASP B 118 0.92 23.33 29.02
C ASP B 118 1.60 22.34 28.09
N LYS B 119 0.86 21.32 27.62
CA LYS B 119 1.45 20.33 26.71
C LYS B 119 1.82 20.96 25.37
N LEU B 120 0.98 21.85 24.86
CA LEU B 120 1.29 22.56 23.62
C LEU B 120 2.63 23.26 23.71
N TYR B 121 2.85 24.04 24.78
CA TYR B 121 4.09 24.80 24.88
C TYR B 121 5.28 23.91 25.19
N GLN B 122 5.08 22.84 25.97
CA GLN B 122 6.18 21.92 26.21
C GLN B 122 6.63 21.24 24.93
N MET B 123 5.69 20.76 24.12
CA MET B 123 6.05 20.13 22.86
C MET B 123 6.78 21.11 21.96
N ALA B 124 6.23 22.32 21.82
CA ALA B 124 6.88 23.30 20.98
C ALA B 124 8.31 23.57 21.44
N LYS B 125 8.53 23.64 22.76
CA LYS B 125 9.88 23.87 23.27
C LYS B 125 10.80 22.69 22.95
N ASP B 126 10.32 21.47 23.19
CA ASP B 126 11.14 20.29 22.94
C ASP B 126 11.50 20.17 21.47
N LEU B 127 10.64 20.64 20.58
CA LEU B 127 10.87 20.54 19.14
C LEU B 127 11.50 21.80 18.57
N GLU B 128 11.82 22.77 19.43
CA GLU B 128 12.58 23.96 19.07
C GLU B 128 11.79 24.82 18.08
N LEU B 129 10.48 24.89 18.27
CA LEU B 129 9.62 25.75 17.48
C LEU B 129 9.56 27.14 18.11
N ASN B 130 9.21 28.12 17.28
CA ASN B 130 8.95 29.47 17.76
C ASN B 130 7.71 29.47 18.65
N THR B 131 7.82 30.00 19.87
CA THR B 131 6.71 29.98 20.81
C THR B 131 6.13 31.36 21.08
N GLU B 132 6.42 32.33 20.20
CA GLU B 132 5.94 33.70 20.40
C GLU B 132 4.51 33.85 19.87
N GLY B 133 3.84 34.91 20.34
CA GLY B 133 2.48 35.19 19.91
C GLY B 133 1.44 34.55 20.82
N LYS B 134 0.26 34.23 20.28
CA LYS B 134 -0.83 33.66 21.06
C LYS B 134 -0.76 32.14 21.05
N PRO B 135 -1.37 31.47 22.03
CA PRO B 135 -1.42 29.99 21.95
C PRO B 135 -1.86 29.44 20.59
N GLU B 136 -2.84 30.09 19.95
CA GLU B 136 -3.31 29.63 18.65
C GLU B 136 -2.21 29.67 17.60
N ASP B 137 -1.37 30.71 17.64
CA ASP B 137 -0.24 30.80 16.71
C ASP B 137 0.71 29.63 16.91
N VAL B 138 0.98 29.26 18.16
CA VAL B 138 1.88 28.15 18.44
C VAL B 138 1.27 26.83 17.97
N ALA B 139 -0.04 26.66 18.15
CA ALA B 139 -0.72 25.44 17.69
C ALA B 139 -0.61 25.27 16.18
N VAL B 140 -0.72 26.36 15.42
CA VAL B 140 -0.55 26.27 13.98
C VAL B 140 0.86 25.81 13.62
N ARG B 141 1.88 26.40 14.27
CA ARG B 141 3.26 25.98 14.01
C ARG B 141 3.46 24.52 14.35
N LEU B 142 2.87 24.05 15.45
CA LEU B 142 3.04 22.64 15.82
C LEU B 142 2.39 21.72 14.79
N SER B 143 1.19 22.08 14.33
CA SER B 143 0.48 21.29 13.33
C SER B 143 1.29 21.17 12.04
N ASP B 144 1.86 22.29 11.57
CA ASP B 144 2.64 22.25 10.36
C ASP B 144 3.93 21.45 10.54
N PHE B 145 4.55 21.56 11.71
CA PHE B 145 5.74 20.76 11.99
C PHE B 145 5.43 19.26 11.94
N LEU B 146 4.31 18.85 12.57
CA LEU B 146 3.99 17.43 12.60
C LEU B 146 3.56 16.89 11.24
N ILE B 147 2.95 17.74 10.40
CA ILE B 147 2.72 17.36 9.00
C ILE B 147 4.06 17.17 8.27
N TRP B 148 5.03 18.04 8.55
CA TRP B 148 6.36 17.85 7.95
C TRP B 148 6.96 16.52 8.36
N GLU B 149 6.79 16.11 9.62
CA GLU B 149 7.25 14.78 10.01
C GLU B 149 6.56 13.65 9.21
N LEU B 150 5.27 13.81 8.88
CA LEU B 150 4.61 12.80 8.07
C LEU B 150 5.23 12.68 6.69
N TYR B 151 5.60 13.83 6.11
CA TYR B 151 6.04 13.98 4.73
CA TYR B 151 6.04 13.95 4.72
C TYR B 151 7.54 13.81 4.52
N ARG B 152 8.34 13.75 5.59
CA ARG B 152 9.80 13.83 5.50
CA ARG B 152 9.77 13.91 5.37
C ARG B 152 10.35 12.73 4.62
N ASP B 153 11.32 13.03 3.73
CA ASP B 153 11.86 11.93 2.94
C ASP B 153 13.05 11.30 3.64
N TYR B 154 13.53 10.19 3.04
CA TYR B 154 14.58 9.39 3.66
C TYR B 154 15.90 10.12 3.77
N ASP B 155 15.95 11.39 3.33
CA ASP B 155 17.17 12.17 3.29
C ASP B 155 17.12 13.46 4.10
N GLU B 156 16.11 13.65 4.97
CA GLU B 156 16.02 14.82 5.82
CA GLU B 156 16.02 14.82 5.82
C GLU B 156 15.84 14.35 7.27
N PRO B 157 16.68 14.81 8.22
CA PRO B 157 16.62 14.23 9.57
C PRO B 157 15.37 14.60 10.37
N GLY B 158 14.80 13.61 11.04
CA GLY B 158 13.66 13.87 11.89
C GLY B 158 14.04 14.41 13.25
N LYS B 159 13.05 15.02 13.91
CA LYS B 159 13.21 15.53 15.28
C LYS B 159 12.42 14.74 16.32
N MET B 160 11.23 14.26 15.99
CA MET B 160 10.46 13.48 16.95
C MET B 160 11.26 12.30 17.48
N ILE B 161 11.95 11.56 16.60
CA ILE B 161 12.70 10.38 17.05
C ILE B 161 13.83 10.79 18.00
N GLU B 162 14.44 11.95 17.79
CA GLU B 162 15.52 12.38 18.68
C GLU B 162 14.99 12.73 20.07
N VAL B 163 13.81 13.38 20.15
CA VAL B 163 13.24 13.79 21.42
C VAL B 163 12.71 12.57 22.20
N TYR B 164 12.05 11.64 21.51
CA TYR B 164 11.22 10.65 22.20
C TYR B 164 11.81 9.25 22.27
N ALA B 165 12.95 8.98 21.59
CA ALA B 165 13.58 7.68 21.69
C ALA B 165 14.80 7.71 22.61
N PRO B 166 15.14 6.58 23.23
CA PRO B 166 16.32 6.54 24.12
C PRO B 166 17.64 6.36 23.37
N LEU B 167 18.73 6.68 24.08
CA LEU B 167 20.04 6.86 23.44
C LEU B 167 20.55 5.60 22.78
N LYS B 168 20.58 4.47 23.50
CA LYS B 168 21.15 3.27 22.89
C LYS B 168 20.32 2.75 21.72
N ARG B 169 18.98 2.87 21.75
CA ARG B 169 18.17 2.49 20.61
C ARG B 169 18.59 3.26 19.36
N LYS B 170 18.80 4.56 19.50
CA LYS B 170 19.19 5.37 18.34
C LYS B 170 20.49 4.84 17.74
N GLU B 171 21.45 4.44 18.58
CA GLU B 171 22.69 3.93 18.02
C GLU B 171 22.46 2.60 17.29
N VAL B 172 21.63 1.72 17.86
CA VAL B 172 21.32 0.44 17.23
C VAL B 172 20.66 0.66 15.86
N TRP B 173 19.69 1.57 15.82
CA TRP B 173 18.97 1.83 14.58
C TRP B 173 19.89 2.39 13.50
N ARG B 174 20.79 3.30 13.87
CA ARG B 174 21.72 3.85 12.88
C ARG B 174 22.65 2.77 12.34
N LYS B 175 23.14 1.90 13.23
CA LYS B 175 24.00 0.80 12.81
C LYS B 175 23.30 -0.10 11.79
N LEU B 176 22.02 -0.38 11.99
CA LEU B 176 21.27 -1.29 11.13
C LEU B 176 20.72 -0.62 9.88
N GLY B 177 20.81 0.70 9.77
CA GLY B 177 20.22 1.38 8.63
C GLY B 177 18.72 1.41 8.65
N ILE B 178 18.11 1.45 9.84
CA ILE B 178 16.65 1.48 9.93
C ILE B 178 16.12 2.76 10.52
N TYR B 179 16.95 3.81 10.65
CA TYR B 179 16.39 5.12 10.96
C TYR B 179 15.40 5.52 9.84
N PRO B 180 14.14 5.76 10.14
CA PRO B 180 13.13 5.87 9.07
C PRO B 180 12.98 7.26 8.47
N ALA B 181 12.49 7.28 7.22
CA ALA B 181 11.89 8.48 6.65
C ALA B 181 10.53 8.71 7.31
N GLY B 182 9.81 9.75 6.86
CA GLY B 182 8.44 9.92 7.30
C GLY B 182 7.58 8.73 6.86
N PRO B 183 6.48 8.49 7.56
CA PRO B 183 5.68 7.28 7.25
C PRO B 183 5.07 7.29 5.86
N LEU B 184 4.74 8.45 5.30
CA LEU B 184 4.18 8.46 3.95
CA LEU B 184 4.18 8.48 3.94
C LEU B 184 5.18 7.95 2.92
N HIS B 185 6.45 8.39 2.98
CA HIS B 185 7.46 7.84 2.09
C HIS B 185 7.79 6.38 2.42
N GLU B 186 7.87 6.03 3.72
CA GLU B 186 8.21 4.64 4.06
CA GLU B 186 8.20 4.65 4.06
C GLU B 186 7.15 3.67 3.55
N LEU B 187 5.85 4.02 3.70
CA LEU B 187 4.79 3.10 3.26
C LEU B 187 4.75 3.00 1.74
N LYS B 188 5.02 4.12 1.04
CA LYS B 188 5.13 4.06 -0.43
C LYS B 188 6.31 3.19 -0.88
N ASP B 189 7.47 3.31 -0.20
CA ASP B 189 8.63 2.49 -0.55
C ASP B 189 8.37 1.01 -0.27
N ALA B 190 7.68 0.74 0.84
CA ALA B 190 7.37 -0.65 1.18
C ALA B 190 6.43 -1.27 0.15
N ALA B 191 5.39 -0.52 -0.23
CA ALA B 191 4.45 -1.05 -1.24
C ALA B 191 5.16 -1.27 -2.57
N ALA B 192 6.00 -0.32 -3.02
CA ALA B 192 6.73 -0.49 -4.28
C ALA B 192 7.64 -1.72 -4.22
N SER B 193 8.26 -1.97 -3.08
CA SER B 193 9.13 -3.13 -2.89
C SER B 193 8.39 -4.45 -3.10
N CYS B 194 7.09 -4.48 -2.79
CA CYS B 194 6.31 -5.72 -2.84
C CYS B 194 5.80 -6.06 -4.23
N LEU B 195 5.91 -5.12 -5.19
CA LEU B 195 5.49 -5.44 -6.56
C LEU B 195 6.35 -6.59 -7.09
N THR B 196 5.74 -7.40 -7.94
CA THR B 196 6.46 -8.54 -8.50
C THR B 196 7.80 -8.11 -9.10
N ASN B 197 8.83 -8.94 -8.87
CA ASN B 197 10.16 -8.74 -9.46
C ASN B 197 10.85 -7.45 -8.97
N VAL B 198 10.60 -7.05 -7.73
CA VAL B 198 11.30 -5.92 -7.10
C VAL B 198 12.14 -6.45 -5.93
N ASP B 199 11.56 -6.55 -4.71
CA ASP B 199 12.27 -7.10 -3.55
C ASP B 199 11.75 -8.51 -3.26
N GLY B 200 12.61 -9.52 -3.49
CA GLY B 200 12.33 -10.90 -3.17
C GLY B 200 13.26 -11.52 -2.14
N ASP B 201 13.82 -10.67 -1.27
CA ASP B 201 14.82 -11.07 -0.26
C ASP B 201 14.19 -10.96 1.14
N TYR B 202 13.93 -12.11 1.80
CA TYR B 202 13.18 -12.08 3.06
C TYR B 202 13.87 -11.24 4.15
N VAL B 203 15.20 -11.20 4.17
CA VAL B 203 15.88 -10.39 5.18
C VAL B 203 15.65 -8.90 4.91
N SER B 204 15.79 -8.49 3.64
CA SER B 204 15.50 -7.11 3.26
C SER B 204 14.06 -6.73 3.58
N LEU B 205 13.11 -7.58 3.19
CA LEU B 205 11.71 -7.28 3.45
C LEU B 205 11.42 -7.16 4.95
N ALA B 206 12.01 -8.03 5.77
CA ALA B 206 11.85 -7.92 7.22
C ALA B 206 12.43 -6.62 7.77
N THR B 207 13.61 -6.23 7.27
CA THR B 207 14.21 -4.96 7.68
C THR B 207 13.32 -3.78 7.30
N LYS B 208 12.74 -3.83 6.11
CA LYS B 208 11.81 -2.79 5.70
C LYS B 208 10.60 -2.75 6.62
N GLY B 209 10.14 -3.91 7.09
CA GLY B 209 9.05 -3.91 8.06
C GLY B 209 9.40 -3.26 9.39
N LEU B 210 10.62 -3.50 9.88
CA LEU B 210 11.09 -2.86 11.09
C LEU B 210 11.13 -1.35 10.93
N ARG B 211 11.69 -0.87 9.80
CA ARG B 211 11.71 0.56 9.49
CA ARG B 211 11.72 0.56 9.57
C ARG B 211 10.31 1.14 9.48
N LEU B 212 9.39 0.42 8.84
CA LEU B 212 8.02 0.88 8.74
C LEU B 212 7.39 1.04 10.14
N GLY B 213 7.64 0.08 11.03
CA GLY B 213 7.17 0.19 12.42
C GLY B 213 7.72 1.42 13.13
N LEU B 214 9.02 1.70 12.97
CA LEU B 214 9.59 2.90 13.58
C LEU B 214 8.94 4.16 13.02
N SER B 215 8.74 4.21 11.69
CA SER B 215 8.13 5.39 11.10
C SER B 215 6.73 5.62 11.63
N CYS B 216 6.01 4.54 11.90
CA CYS B 216 4.64 4.65 12.39
CA CYS B 216 4.64 4.65 12.41
C CYS B 216 4.61 5.28 13.79
N ILE B 217 5.48 4.85 14.68
CA ILE B 217 5.43 5.34 16.06
C ILE B 217 5.96 6.78 16.13
N TYR B 218 7.16 7.02 15.57
CA TYR B 218 7.76 8.34 15.76
C TYR B 218 7.19 9.36 14.78
N GLY B 219 6.80 8.91 13.59
CA GLY B 219 6.28 9.78 12.55
C GLY B 219 4.79 10.04 12.54
N ALA B 220 4.00 9.22 13.25
CA ALA B 220 2.54 9.36 13.29
C ALA B 220 1.95 9.24 14.70
N GLN B 221 2.22 8.15 15.44
CA GLN B 221 1.44 7.85 16.65
C GLN B 221 1.72 8.83 17.78
N ILE B 222 2.99 9.13 18.05
CA ILE B 222 3.28 9.99 19.20
C ILE B 222 2.70 11.38 18.96
N GLY B 223 2.90 11.94 17.76
CA GLY B 223 2.34 13.24 17.47
C GLY B 223 0.82 13.26 17.53
N LEU B 224 0.17 12.25 16.95
CA LEU B 224 -1.29 12.30 16.93
C LEU B 224 -1.86 12.22 18.34
N GLU B 225 -1.29 11.36 19.19
CA GLU B 225 -1.88 11.22 20.52
C GLU B 225 -1.63 12.47 21.37
N LEU B 226 -0.44 13.08 21.26
CA LEU B 226 -0.18 14.32 22.00
C LEU B 226 -1.04 15.46 21.48
N VAL B 227 -1.31 15.50 20.17
CA VAL B 227 -2.22 16.51 19.63
C VAL B 227 -3.65 16.30 20.15
N GLN B 228 -4.10 15.04 20.23
CA GLN B 228 -5.43 14.79 20.79
C GLN B 228 -5.49 15.18 22.27
N ASP B 229 -4.38 15.02 23.00
CA ASP B 229 -4.31 15.53 24.37
C ASP B 229 -4.41 17.05 24.39
N ILE B 230 -3.72 17.74 23.46
CA ILE B 230 -3.82 19.20 23.40
C ILE B 230 -5.26 19.64 23.18
N LEU B 231 -5.98 18.95 22.28
CA LEU B 231 -7.36 19.32 21.97
C LEU B 231 -8.31 18.97 23.11
N PHE B 232 -8.19 17.79 23.70
CA PHE B 232 -9.23 17.22 24.55
C PHE B 232 -8.81 16.90 25.97
N GLY B 233 -7.59 17.24 26.37
CA GLY B 233 -7.03 17.01 27.69
C GLY B 233 -6.18 15.74 27.78
N THR B 234 -5.23 15.75 28.71
CA THR B 234 -4.42 14.58 29.03
C THR B 234 -5.14 13.71 30.07
N GLY B 235 -5.31 12.43 29.75
CA GLY B 235 -6.11 11.56 30.61
C GLY B 235 -5.55 11.45 32.01
N MET B 236 -6.47 11.40 32.98
CA MET B 236 -6.19 11.06 34.36
C MET B 236 -7.19 10.01 34.81
N PRO B 237 -6.81 9.18 35.77
CA PRO B 237 -7.67 8.05 36.17
C PRO B 237 -9.03 8.49 36.69
N HIS B 238 -10.08 7.80 36.21
CA HIS B 238 -11.43 8.02 36.70
C HIS B 238 -12.29 6.79 36.43
N GLU B 239 -13.36 6.65 37.20
CA GLU B 239 -14.22 5.48 37.08
C GLU B 239 -15.19 5.64 35.92
N MET B 240 -15.40 4.53 35.19
CA MET B 240 -16.19 4.47 33.96
C MET B 240 -17.05 3.21 34.03
N ASP B 241 -18.24 3.31 33.46
CA ASP B 241 -19.13 2.16 33.27
C ASP B 241 -18.84 1.52 31.92
N VAL B 242 -18.80 0.18 31.90
CA VAL B 242 -18.56 -0.59 30.68
C VAL B 242 -19.50 -1.81 30.63
N ASP B 243 -19.56 -2.43 29.44
CA ASP B 243 -20.40 -3.58 29.08
C ASP B 243 -21.78 -3.12 28.64
N LEU B 244 -22.55 -4.04 28.04
CA LEU B 244 -23.72 -3.66 27.27
C LEU B 244 -24.93 -3.29 28.12
N GLY B 245 -24.89 -3.56 29.43
CA GLY B 245 -25.95 -3.13 30.34
C GLY B 245 -26.06 -1.62 30.53
N ILE B 246 -25.10 -0.85 30.00
CA ILE B 246 -25.17 0.61 30.10
C ILE B 246 -26.30 1.20 29.25
N PHE B 247 -26.88 0.41 28.33
CA PHE B 247 -27.96 0.92 27.50
C PHE B 247 -29.29 0.96 28.24
N ASP B 248 -30.12 1.94 27.91
CA ASP B 248 -31.50 2.04 28.39
C ASP B 248 -32.39 2.37 27.19
N ALA B 249 -33.37 1.51 26.90
CA ALA B 249 -34.17 1.61 25.68
C ALA B 249 -35.05 2.87 25.63
N ASP B 250 -35.28 3.55 26.75
CA ASP B 250 -36.21 4.69 26.77
C ASP B 250 -35.57 6.02 26.39
N TYR B 251 -34.27 6.03 26.07
CA TYR B 251 -33.54 7.22 25.63
C TYR B 251 -33.24 7.11 24.14
N ILE B 252 -33.00 8.25 23.49
CA ILE B 252 -32.42 8.22 22.15
C ILE B 252 -30.94 7.97 22.32
N ASN B 253 -30.45 6.89 21.70
CA ASN B 253 -29.10 6.37 21.93
C ASN B 253 -28.27 6.47 20.66
N ILE B 254 -27.22 7.27 20.70
CA ILE B 254 -26.28 7.42 19.59
C ILE B 254 -24.94 6.85 20.02
N VAL B 255 -24.41 5.93 19.21
CA VAL B 255 -23.16 5.22 19.49
C VAL B 255 -22.14 5.63 18.42
N PHE B 256 -20.98 6.13 18.83
CA PHE B 256 -19.88 6.39 17.89
C PHE B 256 -18.85 5.26 17.96
N ASN B 257 -18.32 4.85 16.80
CA ASN B 257 -17.58 3.59 16.65
C ASN B 257 -16.49 3.76 15.59
N GLY B 258 -15.22 3.46 15.92
CA GLY B 258 -14.11 3.58 14.98
C GLY B 258 -12.78 3.72 15.71
N HIS B 259 -11.90 4.64 15.23
CA HIS B 259 -10.64 4.99 15.91
C HIS B 259 -10.47 6.50 16.14
N GLU B 260 -11.05 7.37 15.25
CA GLU B 260 -10.85 8.82 15.36
C GLU B 260 -11.98 9.44 16.18
N PRO B 261 -11.68 10.19 17.25
CA PRO B 261 -12.72 10.60 18.19
C PRO B 261 -13.40 11.95 17.92
N PHE B 262 -13.08 12.61 16.81
CA PHE B 262 -13.53 13.98 16.58
C PHE B 262 -15.05 14.07 16.47
N VAL B 263 -15.68 13.16 15.73
CA VAL B 263 -17.14 13.19 15.62
C VAL B 263 -17.79 12.91 16.98
N GLY B 264 -17.22 11.96 17.74
CA GLY B 264 -17.80 11.64 19.04
C GLY B 264 -17.77 12.82 19.99
N VAL B 265 -16.66 13.55 20.02
CA VAL B 265 -16.58 14.73 20.87
C VAL B 265 -17.60 15.77 20.43
N ALA B 266 -17.72 15.99 19.11
CA ALA B 266 -18.69 16.97 18.63
C ALA B 266 -20.12 16.54 18.94
N LEU B 267 -20.40 15.24 18.92
CA LEU B 267 -21.73 14.76 19.28
C LEU B 267 -22.05 15.03 20.74
N ILE B 268 -21.08 14.79 21.63
CA ILE B 268 -21.28 15.05 23.05
C ILE B 268 -21.58 16.52 23.28
N LEU B 269 -20.78 17.40 22.66
CA LEU B 269 -21.02 18.84 22.81
C LEU B 269 -22.40 19.23 22.32
N ALA B 270 -22.83 18.70 21.18
CA ALA B 270 -24.14 19.05 20.64
C ALA B 270 -25.28 18.48 21.49
N ALA B 271 -25.11 17.27 22.03
CA ALA B 271 -26.16 16.66 22.83
C ALA B 271 -26.40 17.41 24.13
N LYS B 272 -25.42 18.15 24.60
CA LYS B 272 -25.61 18.94 25.81
C LYS B 272 -26.43 20.20 25.57
N GLU B 273 -26.67 20.59 24.32
CA GLU B 273 -27.50 21.76 24.06
C GLU B 273 -28.96 21.46 24.35
N ALA B 274 -29.64 22.42 25.00
CA ALA B 274 -31.04 22.21 25.38
C ALA B 274 -31.93 22.00 24.17
N VAL B 275 -31.64 22.67 23.06
CA VAL B 275 -32.49 22.52 21.87
C VAL B 275 -32.56 21.06 21.45
N ASN B 276 -31.47 20.31 21.63
CA ASN B 276 -31.45 18.92 21.21
C ASN B 276 -32.04 17.98 22.25
N GLN B 277 -31.84 18.24 23.54
CA GLN B 277 -32.55 17.44 24.54
C GLN B 277 -34.06 17.67 24.43
N ASP B 278 -34.47 18.92 24.19
CA ASP B 278 -35.89 19.22 24.02
C ASP B 278 -36.49 18.45 22.85
N LYS B 279 -35.74 18.36 21.74
CA LYS B 279 -36.18 17.59 20.57
C LYS B 279 -36.40 16.12 20.94
N ALA B 280 -35.47 15.54 21.70
CA ALA B 280 -35.59 14.14 22.08
C ALA B 280 -36.82 13.91 22.96
N LYS B 281 -37.06 14.81 23.91
CA LYS B 281 -38.22 14.66 24.79
C LYS B 281 -39.53 14.82 24.01
N ALA B 282 -39.59 15.77 23.09
CA ALA B 282 -40.83 15.95 22.33
C ALA B 282 -41.14 14.73 21.48
N ALA B 283 -40.11 13.98 21.08
CA ALA B 283 -40.25 12.76 20.30
C ALA B 283 -40.67 11.56 21.13
N GLY B 284 -40.78 11.71 22.45
CA GLY B 284 -41.22 10.64 23.33
C GLY B 284 -40.12 9.97 24.11
N ALA B 285 -38.88 10.42 23.98
CA ALA B 285 -37.79 9.80 24.71
C ALA B 285 -37.59 10.53 26.03
N LYS B 286 -36.90 9.88 26.96
CA LYS B 286 -36.62 10.52 28.24
C LYS B 286 -35.59 11.63 28.08
N SER B 287 -34.58 11.39 27.26
CA SER B 287 -33.48 12.32 27.01
C SER B 287 -32.66 11.71 25.88
N LEU B 288 -31.58 12.40 25.50
CA LEU B 288 -30.67 11.99 24.45
C LEU B 288 -29.31 11.64 25.05
N ARG B 289 -28.78 10.46 24.70
CA ARG B 289 -27.52 9.96 25.26
C ARG B 289 -26.55 9.53 24.18
N ILE B 290 -25.25 9.65 24.50
CA ILE B 290 -24.14 9.29 23.62
C ILE B 290 -23.31 8.18 24.27
N TYR B 291 -22.89 7.22 23.45
CA TYR B 291 -22.08 6.08 23.92
C TYR B 291 -20.93 5.83 22.95
N GLY B 292 -19.81 5.34 23.47
CA GLY B 292 -18.65 5.01 22.66
C GLY B 292 -18.49 3.51 22.47
N SER B 293 -17.98 3.13 21.31
CA SER B 293 -17.66 1.75 20.95
C SER B 293 -16.22 1.67 20.46
N ILE B 294 -15.58 0.53 20.72
CA ILE B 294 -14.21 0.23 20.29
C ILE B 294 -13.24 1.40 20.54
N GLU B 295 -12.32 1.65 19.61
CA GLU B 295 -11.17 2.51 19.92
C GLU B 295 -11.55 3.98 20.03
N SER B 296 -12.46 4.46 19.17
CA SER B 296 -12.95 5.83 19.34
C SER B 296 -13.58 6.00 20.71
N GLY B 297 -14.40 5.03 21.12
CA GLY B 297 -14.98 5.08 22.45
C GLY B 297 -13.93 5.09 23.53
N GLN B 298 -12.88 4.27 23.39
CA GLN B 298 -11.81 4.25 24.39
C GLN B 298 -11.09 5.60 24.47
N GLU B 299 -10.81 6.22 23.31
CA GLU B 299 -10.16 7.55 23.32
C GLU B 299 -10.96 8.53 24.18
N VAL B 300 -12.29 8.48 24.07
CA VAL B 300 -13.13 9.40 24.84
C VAL B 300 -13.16 9.03 26.31
N VAL B 301 -13.29 7.74 26.65
CA VAL B 301 -13.31 7.39 28.08
C VAL B 301 -11.97 7.67 28.75
N GLN B 302 -10.86 7.68 27.99
CA GLN B 302 -9.58 8.06 28.59
C GLN B 302 -9.61 9.49 29.10
N ARG B 303 -10.38 10.38 28.45
CA ARG B 303 -10.29 11.81 28.71
C ARG B 303 -11.57 12.48 29.21
N PHE B 304 -12.70 11.79 29.22
CA PHE B 304 -13.99 12.38 29.58
C PHE B 304 -14.67 11.56 30.65
N GLN B 305 -15.52 12.22 31.44
CA GLN B 305 -16.23 11.57 32.53
C GLN B 305 -17.56 11.00 32.07
N LYS B 306 -18.07 10.04 32.83
CA LYS B 306 -19.45 9.59 32.67
C LYS B 306 -20.37 10.63 33.27
N ASP B 307 -21.41 11.03 32.52
CA ASP B 307 -22.40 11.98 33.05
C ASP B 307 -23.78 11.64 32.46
N GLU B 308 -24.73 12.57 32.61
CA GLU B 308 -26.08 12.31 32.14
C GLU B 308 -26.14 12.13 30.62
N VAL B 309 -25.19 12.69 29.88
CA VAL B 309 -25.18 12.59 28.43
C VAL B 309 -24.29 11.48 27.93
N PHE B 310 -23.00 11.45 28.33
CA PHE B 310 -22.06 10.42 27.88
C PHE B 310 -22.02 9.25 28.86
N ARG B 311 -22.25 8.03 28.38
CA ARG B 311 -22.57 6.92 29.27
C ARG B 311 -21.50 5.83 29.38
N GLY B 312 -20.44 5.88 28.57
CA GLY B 312 -19.36 4.91 28.72
C GLY B 312 -19.06 4.09 27.51
N LEU B 313 -18.43 2.93 27.69
CA LEU B 313 -17.87 2.12 26.60
C LEU B 313 -18.61 0.80 26.47
N THR B 314 -19.03 0.49 25.24
CA THR B 314 -19.83 -0.71 25.00
C THR B 314 -18.99 -1.98 25.01
N GLY B 315 -17.86 -1.95 24.31
CA GLY B 315 -17.08 -3.15 24.10
C GLY B 315 -16.20 -3.07 22.86
N ASN B 316 -15.51 -4.20 22.54
CA ASN B 316 -14.64 -4.28 21.36
C ASN B 316 -15.36 -4.74 20.08
N TRP B 317 -14.62 -5.07 19.01
CA TRP B 317 -15.26 -5.15 17.70
C TRP B 317 -16.21 -6.34 17.55
N LEU B 318 -15.95 -7.44 18.25
CA LEU B 318 -16.86 -8.57 18.23
C LEU B 318 -18.13 -8.31 19.03
N THR B 319 -18.22 -7.16 19.74
CA THR B 319 -19.44 -6.74 20.42
CA THR B 319 -19.44 -6.76 20.42
C THR B 319 -20.39 -5.92 19.55
N ILE B 320 -19.97 -5.50 18.35
CA ILE B 320 -20.80 -4.61 17.55
C ILE B 320 -22.10 -5.30 17.09
N GLU B 321 -21.99 -6.50 16.50
CA GLU B 321 -23.20 -7.23 16.09
C GLU B 321 -24.11 -7.53 17.28
N PRO B 322 -23.60 -8.07 18.40
CA PRO B 322 -24.43 -8.20 19.61
C PRO B 322 -25.08 -6.91 20.06
N MET B 323 -24.34 -5.79 19.99
CA MET B 323 -24.89 -4.52 20.40
C MET B 323 -26.14 -4.17 19.60
N LEU B 324 -26.11 -4.38 18.28
CA LEU B 324 -27.30 -4.08 17.50
C LEU B 324 -28.49 -4.93 17.93
N ALA B 325 -28.25 -6.17 18.35
CA ALA B 325 -29.30 -7.08 18.77
C ALA B 325 -29.95 -6.66 20.08
N THR B 326 -29.42 -5.63 20.77
CA THR B 326 -30.14 -5.12 21.94
C THR B 326 -31.46 -4.51 21.55
N GLY B 327 -31.59 -4.01 20.32
CA GLY B 327 -32.77 -3.24 19.97
C GLY B 327 -32.85 -1.91 20.69
N ALA B 328 -31.71 -1.34 21.08
CA ALA B 328 -31.65 -0.07 21.79
C ALA B 328 -30.92 1.04 21.05
N VAL B 329 -30.25 0.76 19.94
CA VAL B 329 -29.45 1.76 19.26
C VAL B 329 -30.29 2.53 18.23
N ASP B 330 -30.21 3.85 18.25
CA ASP B 330 -30.86 4.67 17.23
C ASP B 330 -29.95 5.00 16.05
N VAL B 331 -28.73 5.48 16.31
CA VAL B 331 -27.72 5.64 15.27
C VAL B 331 -26.43 4.99 15.73
N LEU B 332 -25.79 4.26 14.80
CA LEU B 332 -24.39 3.83 14.91
C LEU B 332 -23.61 4.66 13.89
N ALA B 333 -22.73 5.54 14.38
CA ALA B 333 -21.93 6.46 13.57
C ALA B 333 -20.51 5.93 13.51
N MET B 334 -20.05 5.58 12.31
CA MET B 334 -18.85 4.77 12.12
C MET B 334 -17.75 5.57 11.43
N ASP B 335 -16.57 5.64 12.05
CA ASP B 335 -15.50 6.49 11.50
C ASP B 335 -14.32 5.74 10.91
N MET B 336 -14.15 4.46 11.21
CA MET B 336 -12.99 3.72 10.73
C MET B 336 -13.22 2.26 11.09
N ASN B 337 -12.17 1.43 10.95
CA ASN B 337 -12.30 0.06 11.42
C ASN B 337 -12.48 0.13 12.93
N CYS B 338 -13.11 -0.89 13.52
N CYS B 338 -13.17 -0.83 13.52
CA CYS B 338 -13.83 -1.96 12.83
CA CYS B 338 -13.85 -1.91 12.83
C CYS B 338 -15.32 -1.59 12.62
C CYS B 338 -15.34 -1.57 12.62
N SER B 339 -15.76 -1.55 11.36
CA SER B 339 -17.16 -1.40 10.96
C SER B 339 -17.51 -2.60 10.06
N PRO B 340 -17.94 -3.73 10.64
CA PRO B 340 -18.04 -4.97 9.86
C PRO B 340 -19.07 -4.86 8.75
N PRO B 341 -18.79 -5.39 7.56
CA PRO B 341 -19.57 -4.99 6.38
C PRO B 341 -20.93 -5.68 6.20
N ASN B 342 -21.37 -6.56 7.10
CA ASN B 342 -22.71 -7.13 7.04
C ASN B 342 -23.64 -6.59 8.13
N LEU B 343 -23.40 -5.37 8.63
CA LEU B 343 -24.30 -4.83 9.65
C LEU B 343 -25.67 -4.46 9.11
N GLY B 344 -25.80 -4.25 7.80
CA GLY B 344 -27.02 -3.78 7.22
C GLY B 344 -28.26 -4.55 7.64
N PRO B 345 -28.27 -5.87 7.43
CA PRO B 345 -29.48 -6.65 7.79
C PRO B 345 -29.78 -6.65 9.30
N LEU B 346 -28.75 -6.52 10.14
CA LEU B 346 -28.99 -6.41 11.58
C LEU B 346 -29.61 -5.07 11.93
N ALA B 347 -29.11 -3.98 11.35
CA ALA B 347 -29.72 -2.66 11.59
C ALA B 347 -31.19 -2.67 11.18
N GLU B 348 -31.52 -3.33 10.06
CA GLU B 348 -32.91 -3.37 9.63
C GLU B 348 -33.76 -4.18 10.61
N LYS B 349 -33.27 -5.34 11.06
CA LYS B 349 -34.08 -6.16 11.96
C LYS B 349 -34.35 -5.46 13.28
N TYR B 350 -33.36 -4.74 13.82
CA TYR B 350 -33.41 -4.21 15.18
C TYR B 350 -33.74 -2.71 15.22
N GLY B 351 -34.02 -2.10 14.08
CA GLY B 351 -34.51 -0.72 14.05
C GLY B 351 -33.45 0.35 14.32
N ALA B 352 -32.21 0.14 13.86
CA ALA B 352 -31.14 1.11 14.02
C ALA B 352 -30.77 1.72 12.67
N THR B 353 -30.24 2.95 12.71
CA THR B 353 -29.80 3.66 11.51
C THR B 353 -28.28 3.72 11.50
N LEU B 354 -27.68 3.40 10.36
CA LEU B 354 -26.24 3.37 10.18
C LEU B 354 -25.78 4.63 9.44
N VAL B 355 -24.76 5.30 10.00
CA VAL B 355 -24.18 6.53 9.44
C VAL B 355 -22.68 6.36 9.35
N SER B 356 -22.14 6.49 8.15
CA SER B 356 -20.69 6.57 8.00
C SER B 356 -20.26 8.03 8.12
N VAL B 357 -19.18 8.27 8.87
CA VAL B 357 -18.63 9.62 9.03
C VAL B 357 -17.18 9.66 8.55
N SER B 358 -16.82 8.77 7.62
CA SER B 358 -15.50 8.79 6.99
C SER B 358 -15.59 8.28 5.56
N ARG B 359 -14.87 8.93 4.64
CA ARG B 359 -14.80 8.41 3.26
C ARG B 359 -14.18 7.02 3.19
N LEU B 360 -13.45 6.58 4.23
CA LEU B 360 -12.91 5.23 4.22
C LEU B 360 -13.99 4.16 4.36
N VAL B 361 -15.04 4.43 5.13
CA VAL B 361 -15.99 3.42 5.58
C VAL B 361 -17.21 3.40 4.66
N ARG B 362 -17.38 2.28 3.96
CA ARG B 362 -18.52 2.01 3.10
C ARG B 362 -18.78 0.50 3.15
N PHE B 363 -20.06 0.11 3.06
CA PHE B 363 -20.50 -1.28 2.96
C PHE B 363 -22.00 -1.27 2.67
N PRO B 364 -22.58 -2.40 2.23
CA PRO B 364 -24.00 -2.37 1.81
C PRO B 364 -24.94 -1.99 2.95
N GLY B 365 -25.93 -1.17 2.63
CA GLY B 365 -27.02 -0.90 3.56
C GLY B 365 -26.81 0.27 4.51
N ILE B 366 -25.79 1.09 4.30
CA ILE B 366 -25.61 2.30 5.10
C ILE B 366 -26.66 3.33 4.69
N HIS B 367 -27.21 4.05 5.68
CA HIS B 367 -28.30 4.98 5.40
C HIS B 367 -27.84 6.39 5.06
N HIS B 368 -26.72 6.84 5.60
CA HIS B 368 -26.27 8.21 5.41
C HIS B 368 -24.75 8.24 5.37
N PHE B 369 -24.22 9.16 4.57
CA PHE B 369 -22.78 9.35 4.39
C PHE B 369 -22.44 10.81 4.67
N LEU B 370 -21.74 11.06 5.77
CA LEU B 370 -21.37 12.39 6.24
C LEU B 370 -19.85 12.42 6.45
N ASP B 371 -19.11 12.56 5.35
CA ASP B 371 -17.65 12.54 5.41
C ASP B 371 -17.10 13.67 6.27
N TYR B 372 -16.11 13.36 7.10
CA TYR B 372 -15.57 14.30 8.07
C TYR B 372 -14.68 15.37 7.43
N LYS B 373 -14.89 16.61 7.86
CA LYS B 373 -13.97 17.73 7.65
C LYS B 373 -14.04 18.54 8.95
N PRO B 374 -12.92 19.05 9.46
CA PRO B 374 -12.99 19.81 10.72
C PRO B 374 -13.98 20.98 10.69
N SER B 375 -14.04 21.72 9.59
CA SER B 375 -14.92 22.88 9.50
C SER B 375 -16.39 22.50 9.32
N GLU B 376 -16.71 21.22 9.16
CA GLU B 376 -18.09 20.80 9.05
C GLU B 376 -18.55 19.92 10.20
N VAL B 377 -17.69 19.64 11.18
CA VAL B 377 -18.05 18.66 12.19
C VAL B 377 -19.20 19.15 13.07
N ARG B 378 -19.36 20.47 13.27
CA ARG B 378 -20.53 20.94 14.01
C ARG B 378 -21.82 20.58 13.27
N GLU B 379 -21.83 20.85 11.96
CA GLU B 379 -23.01 20.51 11.15
C GLU B 379 -23.22 18.99 11.07
N ILE B 380 -22.14 18.21 10.98
CA ILE B 380 -22.28 16.75 10.92
C ILE B 380 -22.94 16.23 12.19
N ALA B 381 -22.46 16.69 13.35
CA ALA B 381 -23.00 16.23 14.63
C ALA B 381 -24.50 16.56 14.76
N GLN B 382 -24.90 17.76 14.32
CA GLN B 382 -26.30 18.14 14.40
C GLN B 382 -27.15 17.32 13.44
N LYS B 383 -26.64 17.04 12.24
CA LYS B 383 -27.39 16.17 11.33
C LYS B 383 -27.58 14.78 11.94
N ILE B 384 -26.53 14.24 12.57
CA ILE B 384 -26.63 12.91 13.19
C ILE B 384 -27.73 12.91 14.25
N ILE B 385 -27.80 13.98 15.06
CA ILE B 385 -28.83 14.04 16.10
C ILE B 385 -30.21 14.09 15.46
N ASP B 386 -30.37 14.89 14.40
CA ASP B 386 -31.66 14.95 13.70
C ASP B 386 -32.06 13.58 13.17
N ILE B 387 -31.11 12.86 12.56
CA ILE B 387 -31.38 11.52 12.04
C ILE B 387 -31.82 10.59 13.17
N ALA B 388 -31.14 10.68 14.31
CA ALA B 388 -31.42 9.79 15.43
C ALA B 388 -32.81 10.03 15.99
N VAL B 389 -33.25 11.30 16.05
CA VAL B 389 -34.59 11.58 16.57
C VAL B 389 -35.65 11.02 15.63
N ASP B 390 -35.48 11.21 14.33
CA ASP B 390 -36.44 10.65 13.38
CA ASP B 390 -36.42 10.66 13.37
C ASP B 390 -36.43 9.13 13.41
N SER B 391 -35.26 8.51 13.57
CA SER B 391 -35.15 7.05 13.61
C SER B 391 -35.85 6.49 14.85
N PHE B 392 -35.61 7.11 16.01
CA PHE B 392 -36.32 6.71 17.22
C PHE B 392 -37.83 6.74 17.02
N LYS B 393 -38.34 7.82 16.43
CA LYS B 393 -39.79 7.98 16.30
C LYS B 393 -40.37 7.02 15.27
N ASN B 394 -39.69 6.82 14.15
CA ASN B 394 -40.28 6.12 13.02
C ASN B 394 -39.84 4.67 12.90
N LYS B 395 -38.69 4.30 13.47
CA LYS B 395 -38.19 2.94 13.36
C LYS B 395 -38.24 2.13 14.65
N ARG B 396 -37.91 2.71 15.79
CA ARG B 396 -37.65 1.92 16.98
C ARG B 396 -38.76 2.03 18.03
N HIS B 397 -39.07 3.24 18.47
CA HIS B 397 -39.99 3.44 19.59
C HIS B 397 -41.35 2.82 19.29
N GLY B 398 -41.80 1.94 20.18
CA GLY B 398 -43.07 1.24 20.02
C GLY B 398 -43.07 0.12 19.01
N LYS B 399 -41.95 -0.15 18.35
CA LYS B 399 -41.89 -1.16 17.31
C LYS B 399 -40.94 -2.31 17.61
N ILE B 400 -39.78 -2.02 18.20
CA ILE B 400 -38.73 -3.03 18.42
C ILE B 400 -38.70 -3.37 19.89
N THR B 401 -38.69 -4.67 20.20
CA THR B 401 -38.58 -5.12 21.59
C THR B 401 -37.11 -5.07 22.03
N PRO B 402 -36.76 -4.31 23.06
CA PRO B 402 -35.36 -4.29 23.52
C PRO B 402 -35.04 -5.53 24.34
N LYS B 403 -33.78 -5.97 24.26
CA LYS B 403 -33.28 -7.08 25.07
C LYS B 403 -31.85 -6.74 25.52
N ILE B 404 -31.75 -5.90 26.55
CA ILE B 404 -30.48 -5.36 27.04
C ILE B 404 -30.00 -6.24 28.20
N PRO B 405 -28.85 -6.91 28.10
CA PRO B 405 -28.35 -7.67 29.25
C PRO B 405 -28.09 -6.76 30.44
N ALA B 406 -28.20 -7.33 31.64
CA ALA B 406 -28.03 -6.54 32.85
C ALA B 406 -26.58 -6.22 33.19
N ASN B 407 -25.61 -6.87 32.55
CA ASN B 407 -24.21 -6.80 32.98
C ASN B 407 -23.63 -5.39 32.82
N ILE B 408 -23.12 -4.83 33.92
CA ILE B 408 -22.34 -3.60 33.92
C ILE B 408 -21.12 -3.84 34.80
N GLN B 409 -19.96 -3.38 34.34
CA GLN B 409 -18.73 -3.47 35.12
C GLN B 409 -18.13 -2.08 35.29
N LYS B 410 -17.35 -1.91 36.35
CA LYS B 410 -16.62 -0.69 36.62
C LYS B 410 -15.16 -0.85 36.21
N ALA B 411 -14.62 0.18 35.57
CA ALA B 411 -13.22 0.20 35.17
C ALA B 411 -12.65 1.59 35.46
N ILE B 412 -11.42 1.64 35.93
CA ILE B 412 -10.68 2.90 36.04
C ILE B 412 -9.92 3.10 34.73
N THR B 413 -10.26 4.16 34.02
CA THR B 413 -9.67 4.48 32.71
CA THR B 413 -9.65 4.46 32.72
C THR B 413 -8.90 5.79 32.80
N GLY B 414 -8.10 6.05 31.76
CA GLY B 414 -7.38 7.30 31.68
C GLY B 414 -5.97 7.27 32.22
N PHE B 415 -5.36 6.11 32.34
CA PHE B 415 -3.94 6.11 32.67
C PHE B 415 -3.13 6.59 31.47
N THR B 416 -2.13 7.41 31.77
CA THR B 416 -1.18 8.05 30.86
C THR B 416 0.16 8.05 31.58
N PRO B 417 1.27 8.31 30.88
CA PRO B 417 2.54 8.52 31.60
C PRO B 417 2.40 9.55 32.70
N GLU B 418 1.69 10.64 32.42
CA GLU B 418 1.52 11.70 33.41
C GLU B 418 0.78 11.20 34.64
N ALA B 419 -0.26 10.37 34.45
CA ALA B 419 -1.01 9.83 35.57
C ALA B 419 -0.17 8.87 36.41
N ILE B 420 0.69 8.08 35.78
CA ILE B 420 1.57 7.19 36.51
C ILE B 420 2.52 7.98 37.40
N LEU B 421 3.22 8.96 36.82
CA LEU B 421 4.14 9.77 37.62
C LEU B 421 3.40 10.41 38.79
N LYS B 422 2.19 10.91 38.55
CA LYS B 422 1.42 11.53 39.64
C LYS B 422 1.10 10.52 40.72
N ALA B 423 0.71 9.31 40.34
CA ALA B 423 0.36 8.30 41.33
C ALA B 423 1.57 7.90 42.17
N LEU B 424 2.78 8.00 41.62
CA LEU B 424 4.00 7.71 42.34
C LEU B 424 4.51 8.90 43.14
N GLY B 425 3.82 10.03 43.13
CA GLY B 425 4.24 11.19 43.89
C GLY B 425 5.14 12.14 43.15
N GLY B 426 5.22 12.04 41.82
CA GLY B 426 5.94 12.98 40.99
C GLY B 426 7.17 12.42 40.30
N SER B 427 7.65 11.25 40.69
CA SER B 427 8.88 10.67 40.17
C SER B 427 8.63 9.20 39.82
N ILE B 428 9.43 8.67 38.89
CA ILE B 428 9.40 7.25 38.57
C ILE B 428 10.13 6.41 39.63
N ASN B 429 10.94 7.04 40.48
CA ASN B 429 11.82 6.28 41.35
C ASN B 429 11.10 5.29 42.27
N PRO B 430 9.93 5.61 42.84
CA PRO B 430 9.25 4.59 43.67
C PRO B 430 8.87 3.33 42.89
N LEU B 431 8.56 3.44 41.59
CA LEU B 431 8.33 2.25 40.79
C LEU B 431 9.63 1.48 40.58
N ILE B 432 10.74 2.20 40.34
CA ILE B 432 12.01 1.51 40.23
C ILE B 432 12.34 0.76 41.51
N GLU B 433 12.07 1.39 42.67
CA GLU B 433 12.34 0.75 43.95
C GLU B 433 11.63 -0.61 44.06
N VAL B 434 10.32 -0.65 43.76
CA VAL B 434 9.57 -1.89 43.98
C VAL B 434 9.92 -2.96 42.94
N ILE B 435 10.38 -2.56 41.76
CA ILE B 435 10.85 -3.51 40.76
C ILE B 435 12.19 -4.10 41.19
N LYS B 436 13.11 -3.23 41.61
CA LYS B 436 14.40 -3.73 42.09
C LYS B 436 14.22 -4.67 43.28
N ALA B 437 13.27 -4.37 44.17
CA ALA B 437 13.04 -5.20 45.35
C ALA B 437 12.40 -6.54 45.02
N GLY B 438 11.82 -6.70 43.83
CA GLY B 438 11.18 -7.94 43.47
C GLY B 438 9.70 -8.00 43.78
N LYS B 439 9.08 -6.90 44.25
CA LYS B 439 7.63 -6.93 44.47
C LYS B 439 6.89 -6.95 43.14
N ILE B 440 7.32 -6.14 42.18
CA ILE B 440 6.87 -6.23 40.80
C ILE B 440 8.02 -6.83 40.00
N LYS B 441 7.79 -7.99 39.39
CA LYS B 441 8.87 -8.63 38.63
C LYS B 441 9.21 -7.84 37.36
N GLY B 442 8.18 -7.34 36.69
CA GLY B 442 8.36 -6.55 35.47
C GLY B 442 7.01 -6.05 35.00
N ALA B 443 6.99 -5.56 33.77
CA ALA B 443 5.78 -4.98 33.20
C ALA B 443 5.59 -5.45 31.77
N VAL B 444 4.32 -5.61 31.40
CA VAL B 444 3.94 -6.04 30.06
C VAL B 444 3.05 -4.99 29.41
N GLY B 445 3.35 -4.67 28.14
CA GLY B 445 2.47 -3.89 27.30
C GLY B 445 1.57 -4.82 26.53
N LEU B 446 0.26 -4.81 26.82
CA LEU B 446 -0.69 -5.68 26.14
C LEU B 446 -1.36 -4.78 25.13
N ILE B 447 -1.06 -5.01 23.86
N ILE B 447 -1.11 -5.04 23.85
CA ILE B 447 -1.49 -4.17 22.77
CA ILE B 447 -1.48 -4.13 22.78
C ILE B 447 -2.10 -5.15 21.84
C ILE B 447 -2.10 -5.03 21.73
N ASN B 448 -3.43 -5.16 21.77
CA ASN B 448 -4.06 -6.27 21.09
C ASN B 448 -5.41 -5.95 20.48
N CYS B 449 -5.78 -6.80 19.49
CA CYS B 449 -7.15 -6.86 19.00
C CYS B 449 -8.03 -7.85 19.80
N THR B 450 -9.03 -8.35 19.10
CA THR B 450 -9.70 -9.59 19.43
C THR B 450 -9.96 -10.32 18.11
N THR B 451 -10.12 -11.64 18.20
CA THR B 451 -10.33 -12.50 17.04
C THR B 451 -11.04 -13.74 17.55
N LEU B 452 -11.56 -14.54 16.61
CA LEU B 452 -12.09 -15.87 16.91
C LEU B 452 -11.11 -16.99 16.56
N LYS B 453 -9.97 -16.67 15.91
CA LYS B 453 -9.10 -17.71 15.39
C LYS B 453 -8.62 -18.66 16.49
N ASN B 454 -8.20 -18.11 17.65
CA ASN B 454 -7.57 -18.92 18.69
C ASN B 454 -8.41 -19.06 19.96
N GLY B 455 -9.68 -18.69 19.92
CA GLY B 455 -10.61 -18.99 21.00
C GLY B 455 -11.87 -18.18 20.91
N PRO B 456 -12.82 -18.44 21.82
CA PRO B 456 -13.95 -17.52 21.98
C PRO B 456 -13.42 -16.10 22.19
N GLN B 457 -14.23 -15.11 21.81
CA GLN B 457 -13.90 -13.69 22.01
C GLN B 457 -13.27 -13.47 23.36
N ASP B 458 -12.03 -12.95 23.34
CA ASP B 458 -11.27 -12.47 24.49
C ASP B 458 -10.77 -13.56 25.44
N TYR B 459 -10.94 -14.84 25.12
CA TYR B 459 -10.59 -15.90 26.06
C TYR B 459 -9.10 -15.90 26.38
N VAL B 460 -8.25 -15.87 25.35
CA VAL B 460 -6.81 -15.89 25.56
C VAL B 460 -6.37 -14.61 26.29
N THR B 461 -6.89 -13.46 25.86
CA THR B 461 -6.47 -12.18 26.41
C THR B 461 -6.73 -12.10 27.91
N VAL B 462 -7.97 -12.39 28.33
CA VAL B 462 -8.34 -12.24 29.73
C VAL B 462 -7.60 -13.26 30.60
N ASN B 463 -7.56 -14.53 30.16
CA ASN B 463 -6.90 -15.55 30.96
C ASN B 463 -5.39 -15.34 31.02
N LEU B 464 -4.78 -14.88 29.93
CA LEU B 464 -3.36 -14.52 29.96
C LEU B 464 -3.11 -13.38 30.95
N ALA B 465 -3.95 -12.35 30.92
CA ALA B 465 -3.77 -11.22 31.84
C ALA B 465 -3.86 -11.70 33.30
N LYS B 466 -4.81 -12.58 33.61
CA LYS B 466 -4.92 -13.12 34.96
C LYS B 466 -3.66 -13.87 35.39
N GLU B 467 -3.10 -14.67 34.47
CA GLU B 467 -1.88 -15.42 34.77
C GLU B 467 -0.68 -14.49 34.95
N LEU B 468 -0.62 -13.41 34.17
CA LEU B 468 0.49 -12.47 34.32
C LEU B 468 0.46 -11.73 35.65
N ILE B 469 -0.72 -11.21 36.05
CA ILE B 469 -0.79 -10.48 37.32
C ILE B 469 -0.56 -11.42 38.50
N LYS B 470 -0.96 -12.69 38.38
CA LYS B 470 -0.65 -13.70 39.40
CA LYS B 470 -0.66 -13.69 39.40
C LYS B 470 0.85 -13.85 39.61
N ARG B 471 1.63 -13.70 38.53
CA ARG B 471 3.09 -13.77 38.56
C ARG B 471 3.75 -12.43 38.90
N ASP B 472 2.99 -11.45 39.39
CA ASP B 472 3.52 -10.17 39.85
C ASP B 472 4.07 -9.33 38.69
N ILE B 473 3.41 -9.43 37.53
CA ILE B 473 3.74 -8.64 36.34
C ILE B 473 2.62 -7.60 36.15
N LEU B 474 2.99 -6.31 36.26
CA LEU B 474 2.08 -5.20 35.99
C LEU B 474 1.76 -5.13 34.51
N ILE B 475 0.50 -4.83 34.16
CA ILE B 475 0.08 -4.70 32.76
C ILE B 475 -0.31 -3.26 32.45
N LEU B 476 0.20 -2.75 31.32
CA LEU B 476 -0.26 -1.51 30.67
C LEU B 476 -1.02 -1.95 29.42
N SER B 477 -2.30 -1.61 29.31
CA SER B 477 -3.09 -2.18 28.20
C SER B 477 -3.62 -1.14 27.20
N GLY B 478 -3.66 -1.55 25.92
CA GLY B 478 -4.32 -0.80 24.84
C GLY B 478 -4.97 -1.70 23.80
N GLY B 479 -6.03 -1.17 23.14
CA GLY B 479 -6.72 -1.87 22.03
C GLY B 479 -8.01 -2.58 22.44
N CYS B 480 -8.59 -3.32 21.49
CA CYS B 480 -9.70 -4.22 21.80
C CYS B 480 -9.39 -5.14 22.98
N GLY B 481 -8.10 -5.50 23.15
CA GLY B 481 -7.70 -6.29 24.31
C GLY B 481 -7.81 -5.52 25.61
N ASN B 482 -7.54 -4.21 25.58
CA ASN B 482 -7.86 -3.34 26.72
C ASN B 482 -9.36 -3.32 27.03
N HIS B 483 -10.20 -3.20 26.00
N HIS B 483 -10.21 -3.15 26.01
CA HIS B 483 -11.65 -3.21 26.25
CA HIS B 483 -11.64 -3.26 26.25
C HIS B 483 -12.09 -4.55 26.90
C HIS B 483 -11.95 -4.53 27.03
N ALA B 484 -11.47 -5.66 26.51
CA ALA B 484 -11.79 -6.96 27.11
C ALA B 484 -11.45 -7.01 28.59
N LEU B 485 -10.30 -6.43 28.98
CA LEU B 485 -9.90 -6.48 30.38
C LEU B 485 -10.79 -5.59 31.25
N GLU B 486 -11.24 -4.46 30.69
CA GLU B 486 -12.16 -3.58 31.40
C GLU B 486 -13.48 -4.31 31.67
N VAL B 487 -14.04 -4.94 30.64
CA VAL B 487 -15.31 -5.63 30.80
C VAL B 487 -15.20 -6.83 31.75
N ALA B 488 -14.08 -7.52 31.75
CA ALA B 488 -13.84 -8.66 32.64
C ALA B 488 -13.50 -8.27 34.08
N GLY B 489 -13.41 -6.98 34.40
CA GLY B 489 -13.21 -6.56 35.78
C GLY B 489 -11.77 -6.49 36.25
N LEU B 490 -10.80 -6.49 35.35
CA LEU B 490 -9.39 -6.47 35.75
C LEU B 490 -8.83 -5.07 35.95
N CYS B 491 -9.64 -4.04 35.70
CA CYS B 491 -9.18 -2.66 35.71
C CYS B 491 -9.83 -1.83 36.81
N ASN B 492 -10.39 -2.47 37.83
CA ASN B 492 -10.91 -1.77 39.01
C ASN B 492 -10.14 -2.19 40.25
N LEU B 493 -10.45 -1.55 41.38
CA LEU B 493 -9.67 -1.82 42.58
C LEU B 493 -9.94 -3.20 43.17
N ASP B 494 -11.09 -3.81 42.89
CA ASP B 494 -11.29 -5.19 43.35
C ASP B 494 -10.28 -6.13 42.71
N ALA B 495 -9.80 -5.82 41.50
CA ALA B 495 -8.85 -6.71 40.84
C ALA B 495 -7.49 -6.78 41.54
N ILE B 496 -7.19 -5.84 42.44
CA ILE B 496 -5.98 -5.94 43.25
C ILE B 496 -5.82 -7.35 43.84
N ASN B 497 -6.92 -7.94 44.27
CA ASN B 497 -6.86 -9.22 44.97
C ASN B 497 -6.67 -10.40 44.02
N LEU B 498 -6.72 -10.17 42.70
CA LEU B 498 -6.37 -11.19 41.72
C LEU B 498 -4.86 -11.23 41.44
N ALA B 499 -4.11 -10.24 41.87
CA ALA B 499 -2.67 -10.20 41.63
C ALA B 499 -1.91 -11.04 42.67
N GLY B 500 -0.65 -11.35 42.34
CA GLY B 500 0.21 -12.09 43.21
C GLY B 500 0.65 -11.27 44.41
N PRO B 501 1.51 -11.87 45.24
CA PRO B 501 1.83 -11.24 46.53
C PRO B 501 2.47 -9.87 46.44
N GLY B 502 3.44 -9.69 45.56
CA GLY B 502 4.12 -8.41 45.50
C GLY B 502 3.31 -7.34 44.78
N LEU B 503 2.71 -7.69 43.64
CA LEU B 503 1.93 -6.72 42.87
C LEU B 503 0.66 -6.31 43.60
N SER B 504 -0.04 -7.25 44.26
CA SER B 504 -1.21 -6.86 45.04
C SER B 504 -0.82 -5.88 46.14
N GLU B 505 0.33 -6.09 46.79
CA GLU B 505 0.76 -5.21 47.87
C GLU B 505 1.04 -3.80 47.36
N VAL B 506 1.75 -3.70 46.23
CA VAL B 506 2.06 -2.39 45.67
C VAL B 506 0.79 -1.68 45.23
N CYS B 507 -0.06 -2.37 44.48
CA CYS B 507 -1.30 -1.77 44.02
C CYS B 507 -2.17 -1.31 45.17
N ARG B 508 -2.26 -2.12 46.25
CA ARG B 508 -3.06 -1.71 47.40
C ARG B 508 -2.50 -0.42 48.01
N ASN B 509 -1.16 -0.31 48.10
CA ASN B 509 -0.56 0.87 48.71
C ASN B 509 -0.72 2.12 47.83
N LEU B 510 -0.60 1.97 46.51
CA LEU B 510 -0.72 3.09 45.59
C LEU B 510 -2.16 3.39 45.21
N ASN B 511 -3.09 2.49 45.50
CA ASN B 511 -4.50 2.65 45.15
C ASN B 511 -4.72 2.67 43.64
N ILE B 512 -4.10 1.73 42.94
CA ILE B 512 -4.27 1.58 41.49
C ILE B 512 -4.58 0.11 41.19
N PRO B 513 -5.23 -0.16 40.06
CA PRO B 513 -5.46 -1.58 39.65
C PRO B 513 -4.20 -2.22 39.12
N PRO B 514 -4.18 -3.56 39.00
CA PRO B 514 -2.99 -4.23 38.46
C PRO B 514 -2.89 -4.22 36.95
N VAL B 515 -3.95 -3.77 36.27
CA VAL B 515 -4.00 -3.54 34.83
C VAL B 515 -4.35 -2.08 34.65
N LEU B 516 -3.44 -1.32 34.04
CA LEU B 516 -3.59 0.12 33.83
C LEU B 516 -4.07 0.38 32.40
N SER B 517 -5.27 0.91 32.25
CA SER B 517 -5.81 1.20 30.92
C SER B 517 -5.12 2.43 30.27
N PHE B 518 -4.27 2.17 29.25
CA PHE B 518 -3.54 3.21 28.50
C PHE B 518 -4.19 3.54 27.18
N GLY B 519 -5.31 2.90 26.84
CA GLY B 519 -6.13 3.36 25.73
C GLY B 519 -6.21 2.40 24.57
N THR B 520 -5.57 2.79 23.47
CA THR B 520 -5.77 2.16 22.16
C THR B 520 -4.48 1.57 21.62
N THR B 522 -3.24 2.68 19.09
CA THR B 522 -2.62 3.94 18.66
C THR B 522 -1.73 4.53 19.74
N ASP B 523 -1.90 4.07 20.99
CA ASP B 523 -1.11 4.50 22.13
C ASP B 523 0.14 3.64 22.36
N THR B 524 0.48 2.74 21.43
CA THR B 524 1.77 2.06 21.49
C THR B 524 2.91 3.06 21.61
N GLY B 525 2.85 4.15 20.84
CA GLY B 525 3.87 5.18 20.98
C GLY B 525 3.92 5.74 22.40
N ARG B 526 2.75 5.97 22.98
CA ARG B 526 2.68 6.50 24.34
C ARG B 526 3.24 5.49 25.36
N ILE B 527 2.92 4.21 25.21
CA ILE B 527 3.50 3.19 26.07
C ILE B 527 5.03 3.20 25.97
N SER B 528 5.57 3.42 24.77
CA SER B 528 7.01 3.51 24.59
C SER B 528 7.62 4.64 25.40
N LEU B 529 6.84 5.71 25.66
CA LEU B 529 7.36 6.77 26.53
C LEU B 529 7.61 6.26 27.95
N VAL B 530 6.73 5.38 28.46
CA VAL B 530 6.93 4.79 29.78
C VAL B 530 8.17 3.89 29.77
N VAL B 531 8.29 3.04 28.74
CA VAL B 531 9.44 2.13 28.68
C VAL B 531 10.73 2.91 28.51
N THR B 532 10.70 3.99 27.70
CA THR B 532 11.87 4.85 27.56
C THR B 532 12.23 5.53 28.88
N ALA B 533 11.24 5.93 29.67
CA ALA B 533 11.54 6.53 30.98
C ALA B 533 12.20 5.52 31.91
N LEU B 534 11.75 4.26 31.89
CA LEU B 534 12.40 3.21 32.66
C LEU B 534 13.83 2.99 32.19
N ALA B 535 14.04 2.93 30.87
CA ALA B 535 15.39 2.72 30.34
C ALA B 535 16.34 3.80 30.84
N ASN B 536 15.91 5.05 30.78
CA ASN B 536 16.76 6.14 31.24
C ASN B 536 17.03 6.03 32.75
N ALA B 537 15.99 5.76 33.53
CA ALA B 537 16.16 5.71 34.99
C ALA B 537 17.12 4.59 35.40
N LEU B 538 16.99 3.41 34.79
CA LEU B 538 17.91 2.32 35.05
C LEU B 538 19.22 2.44 34.28
N ASN B 539 19.36 3.46 33.42
CA ASN B 539 20.55 3.66 32.60
C ASN B 539 20.92 2.43 31.76
N VAL B 540 19.91 1.79 31.16
CA VAL B 540 20.13 0.59 30.36
C VAL B 540 19.33 0.71 29.06
N ASP B 541 19.70 -0.11 28.10
CA ASP B 541 18.97 -0.21 26.84
C ASP B 541 17.63 -0.90 27.04
N THR B 542 16.68 -0.57 26.17
CA THR B 542 15.32 -1.13 26.29
C THR B 542 15.34 -2.66 26.22
N ALA B 543 16.24 -3.23 25.40
CA ALA B 543 16.29 -4.69 25.27
C ALA B 543 16.73 -5.39 26.55
N ASP B 544 17.29 -4.65 27.51
CA ASP B 544 17.76 -5.21 28.78
C ASP B 544 16.78 -5.02 29.93
N LEU B 545 15.64 -4.36 29.68
CA LEU B 545 14.67 -4.10 30.73
C LEU B 545 13.81 -5.34 31.02
N PRO B 546 13.28 -5.46 32.25
CA PRO B 546 12.33 -6.53 32.61
C PRO B 546 10.91 -6.22 32.14
N VAL B 547 10.72 -6.26 30.81
CA VAL B 547 9.45 -5.98 30.19
C VAL B 547 9.22 -6.94 29.02
N ALA B 548 8.00 -6.92 28.48
CA ALA B 548 7.64 -7.65 27.27
C ALA B 548 6.36 -7.05 26.72
N VAL B 549 6.04 -7.40 25.46
CA VAL B 549 4.80 -7.00 24.79
C VAL B 549 4.04 -8.27 24.40
N THR B 550 2.70 -8.21 24.45
CA THR B 550 1.87 -9.29 23.93
C THR B 550 0.69 -8.71 23.17
N ALA B 551 0.44 -9.32 22.00
CA ALA B 551 -0.78 -9.16 21.20
C ALA B 551 -1.38 -10.57 21.09
N PRO B 552 -2.16 -11.01 22.09
CA PRO B 552 -2.49 -12.44 22.20
C PRO B 552 -3.74 -12.89 21.47
N MET B 553 -4.50 -11.97 20.87
CA MET B 553 -5.65 -12.31 20.00
C MET B 553 -5.65 -11.29 18.86
N TYR B 554 -4.52 -11.19 18.16
CA TYR B 554 -4.37 -10.18 17.11
C TYR B 554 -5.30 -10.53 15.95
N MET B 555 -5.80 -9.48 15.27
CA MET B 555 -6.64 -9.68 14.10
CA MET B 555 -6.67 -9.63 14.11
C MET B 555 -6.04 -9.07 12.84
N GLU B 556 -5.60 -7.81 12.86
CA GLU B 556 -5.07 -7.26 11.62
C GLU B 556 -3.85 -6.36 11.91
N GLN B 557 -3.52 -5.49 10.95
CA GLN B 557 -2.21 -4.90 10.90
C GLN B 557 -2.08 -3.59 11.69
N LYS B 558 -3.14 -3.13 12.34
CA LYS B 558 -2.94 -2.14 13.39
C LYS B 558 -2.13 -2.75 14.53
N ALA B 559 -2.39 -4.01 14.85
CA ALA B 559 -1.61 -4.71 15.88
C ALA B 559 -0.25 -5.16 15.36
N THR B 560 -0.18 -5.70 14.14
CA THR B 560 1.11 -6.21 13.69
C THR B 560 2.13 -5.08 13.46
N ILE B 561 1.69 -3.89 13.04
CA ILE B 561 2.66 -2.80 12.91
C ILE B 561 3.22 -2.41 14.29
N ASP B 562 2.39 -2.47 15.35
CA ASP B 562 2.87 -2.25 16.71
C ASP B 562 3.85 -3.34 17.14
N ALA B 563 3.59 -4.60 16.73
CA ALA B 563 4.53 -5.69 17.00
C ALA B 563 5.86 -5.50 16.28
N LEU B 564 5.81 -5.06 15.01
CA LEU B 564 7.05 -4.77 14.27
C LEU B 564 7.85 -3.66 14.96
N PHE B 565 7.16 -2.60 15.42
CA PHE B 565 7.79 -1.58 16.24
C PHE B 565 8.45 -2.19 17.49
N ALA B 566 7.71 -3.04 18.23
CA ALA B 566 8.26 -3.60 19.45
C ALA B 566 9.54 -4.38 19.18
N LEU B 567 9.56 -5.15 18.07
CA LEU B 567 10.77 -5.87 17.69
C LEU B 567 11.92 -4.93 17.42
N ALA B 568 11.68 -3.87 16.64
CA ALA B 568 12.71 -2.87 16.38
C ALA B 568 13.19 -2.20 17.66
N TYR B 569 12.28 -2.00 18.61
CA TYR B 569 12.54 -1.41 19.90
C TYR B 569 13.25 -2.37 20.86
N GLY B 570 13.50 -3.60 20.44
CA GLY B 570 14.32 -4.51 21.19
C GLY B 570 13.62 -5.44 22.15
N LEU B 571 12.29 -5.61 22.01
CA LEU B 571 11.50 -6.30 23.01
C LEU B 571 11.10 -7.72 22.62
N TYR B 572 10.97 -8.56 23.64
CA TYR B 572 10.26 -9.84 23.52
C TYR B 572 8.81 -9.52 23.22
N THR B 573 8.33 -10.03 22.08
CA THR B 573 7.02 -9.67 21.53
C THR B 573 6.26 -10.96 21.23
N HIS B 574 5.30 -11.28 22.10
CA HIS B 574 4.43 -12.43 21.90
C HIS B 574 3.26 -12.05 21.01
N VAL B 575 2.96 -12.91 20.02
CA VAL B 575 1.85 -12.70 19.08
C VAL B 575 1.10 -14.03 18.91
N ALA B 576 -0.23 -13.99 19.07
CA ALA B 576 -1.12 -15.12 18.83
C ALA B 576 -2.40 -14.54 18.25
N PRO B 577 -3.07 -15.27 17.34
CA PRO B 577 -2.61 -16.50 16.71
C PRO B 577 -1.35 -16.29 15.85
N ASP B 578 -0.77 -17.37 15.35
CA ASP B 578 0.42 -17.23 14.52
C ASP B 578 0.10 -16.37 13.30
N PRO B 579 0.91 -15.36 12.98
CA PRO B 579 0.83 -14.72 11.69
C PRO B 579 1.11 -15.74 10.59
N PRO B 580 0.69 -15.45 9.32
CA PRO B 580 0.85 -16.46 8.26
C PRO B 580 2.27 -16.50 7.69
N VAL B 581 3.15 -17.12 8.47
CA VAL B 581 4.57 -17.17 8.09
C VAL B 581 5.21 -18.51 8.42
N MET B 582 4.48 -19.47 9.02
CA MET B 582 5.16 -20.63 9.58
CA MET B 582 5.14 -20.65 9.58
C MET B 582 5.59 -21.67 8.53
N GLY B 583 5.22 -21.49 7.27
CA GLY B 583 5.76 -22.32 6.20
C GLY B 583 7.07 -21.83 5.62
N ALA B 584 7.63 -20.78 6.20
CA ALA B 584 8.83 -20.12 5.71
C ALA B 584 9.93 -20.31 6.76
N PRO B 585 10.71 -21.39 6.69
CA PRO B 585 11.55 -21.75 7.86
C PRO B 585 12.68 -20.79 8.13
N ASN B 586 13.24 -20.13 7.12
CA ASN B 586 14.33 -19.19 7.41
C ASN B 586 13.79 -17.89 7.96
N LEU B 587 12.63 -17.46 7.49
CA LEU B 587 11.94 -16.32 8.10
C LEU B 587 11.60 -16.60 9.57
N VAL B 588 11.07 -17.79 9.88
CA VAL B 588 10.76 -18.14 11.26
C VAL B 588 12.01 -18.08 12.11
N LYS B 589 13.13 -18.60 11.62
CA LYS B 589 14.39 -18.54 12.37
C LYS B 589 14.84 -17.11 12.61
N LEU B 590 14.72 -16.25 11.61
CA LEU B 590 15.07 -14.84 11.79
C LEU B 590 14.25 -14.20 12.91
N LEU B 591 12.93 -14.34 12.85
CA LEU B 591 12.06 -13.61 13.77
C LEU B 591 12.11 -14.16 15.18
N THR B 592 12.27 -15.48 15.33
CA THR B 592 12.16 -16.10 16.65
C THR B 592 13.50 -16.42 17.32
N ARG B 593 14.57 -16.55 16.56
CA ARG B 593 15.86 -16.96 17.12
C ARG B 593 17.00 -15.99 16.86
N ASP B 594 17.08 -15.40 15.67
CA ASP B 594 18.23 -14.57 15.31
C ASP B 594 18.06 -13.09 15.66
N LEU B 595 16.83 -12.57 15.73
CA LEU B 595 16.65 -11.15 16.00
C LEU B 595 17.29 -10.67 17.30
N PRO B 596 17.42 -11.46 18.38
CA PRO B 596 18.09 -10.93 19.57
C PRO B 596 19.50 -10.42 19.30
N SER B 597 20.22 -11.00 18.34
CA SER B 597 21.56 -10.52 17.97
CA SER B 597 21.56 -10.53 17.97
C SER B 597 21.54 -9.35 16.99
N ILE B 598 20.36 -8.93 16.56
CA ILE B 598 20.18 -7.88 15.55
C ILE B 598 19.56 -6.65 16.21
N THR B 599 18.28 -6.76 16.63
CA THR B 599 17.64 -5.64 17.32
C THR B 599 17.56 -5.84 18.83
N GLY B 600 17.76 -7.06 19.32
CA GLY B 600 17.54 -7.38 20.70
C GLY B 600 16.20 -8.04 20.97
N GLY B 601 15.21 -7.87 20.08
CA GLY B 601 13.88 -8.44 20.28
C GLY B 601 13.73 -9.82 19.67
N ARG B 602 12.54 -10.39 19.83
CA ARG B 602 12.21 -11.69 19.25
CA ARG B 602 12.20 -11.66 19.20
C ARG B 602 10.69 -11.87 19.28
N ILE B 603 10.18 -12.66 18.33
CA ILE B 603 8.78 -13.08 18.34
C ILE B 603 8.65 -14.33 19.19
N ALA B 604 7.62 -14.35 20.05
CA ALA B 604 7.18 -15.52 20.80
C ALA B 604 5.76 -15.89 20.35
N VAL B 605 5.39 -17.16 20.53
CA VAL B 605 4.14 -17.69 20.02
C VAL B 605 3.43 -18.58 21.05
N GLY B 606 2.18 -18.94 20.73
CA GLY B 606 1.36 -19.81 21.57
C GLY B 606 0.08 -19.19 22.09
N SER B 607 -0.93 -20.01 22.36
CA SER B 607 -2.23 -19.55 22.85
C SER B 607 -2.62 -20.14 24.21
N ASP B 608 -1.76 -20.95 24.84
CA ASP B 608 -2.07 -21.45 26.20
CA ASP B 608 -2.06 -21.46 26.20
C ASP B 608 -1.71 -20.39 27.23
N PRO B 609 -2.69 -19.86 27.98
CA PRO B 609 -2.38 -18.74 28.89
C PRO B 609 -1.26 -19.03 29.89
N VAL B 610 -1.23 -20.24 30.47
CA VAL B 610 -0.20 -20.57 31.45
C VAL B 610 1.18 -20.64 30.79
N LYS B 611 1.30 -21.33 29.66
CA LYS B 611 2.61 -21.45 29.02
C LYS B 611 3.11 -20.09 28.52
N VAL B 612 2.22 -19.28 27.94
CA VAL B 612 2.62 -17.96 27.46
C VAL B 612 3.09 -17.07 28.62
N ALA B 613 2.36 -17.09 29.73
CA ALA B 613 2.75 -16.31 30.90
C ALA B 613 4.07 -16.80 31.50
N ASP B 614 4.27 -18.13 31.56
CA ASP B 614 5.52 -18.68 32.06
C ASP B 614 6.70 -18.26 31.19
N ASP B 615 6.50 -18.26 29.86
CA ASP B 615 7.58 -17.86 28.95
C ASP B 615 7.90 -16.37 29.09
N ILE B 616 6.87 -15.53 29.26
CA ILE B 616 7.12 -14.10 29.51
C ILE B 616 7.87 -13.92 30.81
N LEU B 617 7.41 -14.58 31.88
CA LEU B 617 8.07 -14.44 33.17
C LEU B 617 9.53 -14.90 33.10
N ALA B 618 9.80 -15.97 32.35
CA ALA B 618 11.18 -16.44 32.21
C ALA B 618 12.05 -15.38 31.54
N HIS B 619 11.53 -14.71 30.52
CA HIS B 619 12.31 -13.63 29.89
C HIS B 619 12.56 -12.52 30.89
N ILE B 620 11.50 -12.10 31.59
CA ILE B 620 11.64 -11.04 32.58
C ILE B 620 12.69 -11.41 33.64
N ASN B 621 12.66 -12.64 34.12
CA ASN B 621 13.61 -13.06 35.16
C ASN B 621 15.03 -13.15 34.62
N ASP B 622 15.21 -13.50 33.34
CA ASP B 622 16.52 -13.46 32.70
C ASP B 622 17.05 -12.04 32.67
N ARG B 623 16.22 -11.08 32.26
CA ARG B 623 16.64 -9.69 32.29
C ARG B 623 16.99 -9.24 33.70
N ARG B 624 16.14 -9.59 34.68
CA ARG B 624 16.39 -9.20 36.06
C ARG B 624 17.74 -9.71 36.53
N ALA B 625 18.07 -10.96 36.25
CA ALA B 625 19.32 -11.54 36.74
C ALA B 625 20.52 -10.74 36.26
N LYS B 626 20.52 -10.35 34.98
CA LYS B 626 21.65 -9.61 34.44
C LYS B 626 21.73 -8.20 35.00
N LEU B 627 20.60 -7.64 35.44
CA LEU B 627 20.58 -6.34 36.10
C LEU B 627 21.02 -6.43 37.56
N GLY B 628 21.12 -7.63 38.13
CA GLY B 628 21.52 -7.80 39.51
C GLY B 628 20.38 -7.77 40.49
N ILE B 629 19.14 -7.94 40.02
CA ILE B 629 17.95 -7.90 40.85
C ILE B 629 17.21 -9.23 40.79
#